data_6PF4
#
_entry.id   6PF4
#
_cell.length_a   92.190
_cell.length_b   96.437
_cell.length_c   135.719
_cell.angle_alpha   90.00
_cell.angle_beta   90.00
_cell.angle_gamma   90.00
#
_symmetry.space_group_name_H-M   'P 21 21 21'
#
loop_
_entity.id
_entity.type
_entity.pdbx_description
1 polymer 'Thymidylate synthase'
2 non-polymer "2'-DEOXYURIDINE 5'-MONOPHOSPHATE"
3 non-polymer '[2-({4-[(2-amino-4-oxo-4,7-dihydro-3H-pyrrolo[2,3-d]pyrimidin-5-yl)methyl]benzene-1-carbonyl}amino)phenyl]acetic acid'
4 water water
#
_entity_poly.entity_id   1
_entity_poly.type   'polypeptide(L)'
_entity_poly.pdbx_seq_one_letter_code
;MPVAGSELQYLGQIQHILRCGVRKDDRTGTGTLSVFGMQARYSLRDEFPLLTTKRVFWKGVLEELLWFIKGSTNAKELSS
KGVKIWDANGSRDFLDSLGFSTREEGDLGPVYGFQWRHFGAEYRDMESDYSGQGVDQLQRVIDTIKTNPDDRRIIMCAWN
PRDLPLMALPPCHALCQFYVVNSELSCQLYQRSGDMGLGVPFNIASYALLTYMIAHITGLKPGDFIHTLGDAHIYLNHIE
PLKIQLQREPRPFPKLRILRKVEKIDDFKAEDFQIEGYNPHPTIKMEMAV
;
_entity_poly.pdbx_strand_id   B,A,C,D
#
# COMPACT_ATOMS: atom_id res chain seq x y z
N SER A 6 27.47 -1.45 -0.23
CA SER A 6 28.15 -2.11 -1.35
C SER A 6 27.65 -3.54 -1.52
N GLU A 7 27.72 -4.03 -2.76
CA GLU A 7 27.18 -5.34 -3.07
C GLU A 7 28.01 -6.48 -2.49
N LEU A 8 29.28 -6.23 -2.15
CA LEU A 8 30.13 -7.27 -1.58
C LEU A 8 29.60 -7.79 -0.25
N GLN A 9 28.72 -7.05 0.42
CA GLN A 9 28.14 -7.55 1.66
C GLN A 9 27.19 -8.72 1.40
N TYR A 10 26.33 -8.59 0.39
CA TYR A 10 25.44 -9.70 0.04
C TYR A 10 26.25 -10.91 -0.42
N LEU A 11 27.28 -10.69 -1.26
CA LEU A 11 28.11 -11.79 -1.71
C LEU A 11 28.86 -12.43 -0.56
N GLY A 12 29.25 -11.63 0.44
CA GLY A 12 29.93 -12.18 1.61
C GLY A 12 28.99 -13.02 2.45
N GLN A 13 27.73 -12.60 2.56
CA GLN A 13 26.73 -13.44 3.24
C GLN A 13 26.51 -14.74 2.49
N ILE A 14 26.48 -14.68 1.16
CA ILE A 14 26.32 -15.89 0.35
C ILE A 14 27.49 -16.84 0.60
N GLN A 15 28.72 -16.31 0.53
CA GLN A 15 29.90 -17.13 0.75
C GLN A 15 29.92 -17.71 2.15
N HIS A 16 29.50 -16.91 3.15
CA HIS A 16 29.51 -17.37 4.53
C HIS A 16 28.49 -18.47 4.76
N ILE A 17 27.34 -18.40 4.07
CA ILE A 17 26.36 -19.47 4.19
C ILE A 17 26.86 -20.73 3.48
N LEU A 18 27.56 -20.56 2.35
CA LEU A 18 28.03 -21.73 1.64
C LEU A 18 29.16 -22.44 2.39
N ARG A 19 29.95 -21.71 3.18
CA ARG A 19 31.06 -22.33 3.88
C ARG A 19 30.76 -22.68 5.34
N CYS A 20 29.79 -22.01 5.97
CA CYS A 20 29.50 -22.23 7.38
C CYS A 20 28.04 -22.59 7.68
N GLY A 21 27.16 -22.58 6.68
CA GLY A 21 25.78 -22.93 6.92
C GLY A 21 25.62 -24.39 7.30
N VAL A 22 24.50 -24.69 7.96
CA VAL A 22 24.18 -26.04 8.40
C VAL A 22 23.01 -26.58 7.60
N ARG A 23 23.04 -27.87 7.29
CA ARG A 23 21.95 -28.49 6.53
C ARG A 23 20.70 -28.58 7.40
N LYS A 24 19.59 -28.06 6.88
CA LYS A 24 18.37 -27.92 7.66
C LYS A 24 17.15 -28.14 6.76
N ASP A 25 16.23 -28.98 7.21
CA ASP A 25 14.98 -29.15 6.50
C ASP A 25 14.11 -27.90 6.65
N ASP A 26 13.11 -27.78 5.78
CA ASP A 26 12.24 -26.61 5.79
C ASP A 26 10.80 -27.03 5.50
N ARG A 27 9.91 -26.04 5.48
CA ARG A 27 8.49 -26.29 5.26
C ARG A 27 8.25 -26.99 3.94
N THR A 28 8.99 -26.61 2.90
CA THR A 28 8.90 -27.22 1.59
C THR A 28 9.69 -28.54 1.56
N GLY A 29 9.60 -29.26 0.44
CA GLY A 29 10.31 -30.51 0.29
C GLY A 29 11.81 -30.34 0.12
N THR A 30 12.26 -29.13 -0.19
CA THR A 30 13.67 -28.85 -0.43
C THR A 30 14.45 -28.95 0.89
N GLY A 31 15.75 -28.68 0.83
CA GLY A 31 16.56 -28.49 2.01
C GLY A 31 17.22 -27.12 1.92
N THR A 32 17.89 -26.72 3.01
CA THR A 32 18.55 -25.43 3.03
C THR A 32 19.91 -25.56 3.69
N LEU A 33 20.82 -24.68 3.29
CA LEU A 33 21.99 -24.35 4.08
C LEU A 33 21.65 -23.08 4.85
N SER A 34 21.59 -23.19 6.18
CA SER A 34 21.01 -22.15 7.01
C SER A 34 22.05 -21.53 7.94
N VAL A 35 21.86 -20.23 8.22
CA VAL A 35 22.61 -19.50 9.23
C VAL A 35 21.63 -18.57 9.93
N PHE A 36 21.70 -18.51 11.26
CA PHE A 36 20.76 -17.70 12.05
C PHE A 36 21.46 -16.45 12.57
N GLY A 37 20.98 -15.29 12.12
CA GLY A 37 21.47 -14.02 12.60
C GLY A 37 22.58 -13.41 11.77
N MET A 38 22.22 -12.52 10.84
CA MET A 38 23.20 -11.80 10.04
C MET A 38 22.76 -10.36 9.91
N GLN A 39 23.70 -9.48 9.54
CA GLN A 39 23.35 -8.09 9.33
C GLN A 39 24.29 -7.45 8.30
N ALA A 40 23.71 -6.81 7.30
CA ALA A 40 24.46 -6.09 6.28
C ALA A 40 24.02 -4.63 6.24
N ARG A 41 24.87 -3.78 5.68
CA ARG A 41 24.61 -2.35 5.57
C ARG A 41 24.83 -1.94 4.11
N TYR A 42 23.84 -1.26 3.53
CA TYR A 42 23.90 -0.86 2.14
C TYR A 42 23.70 0.65 2.06
N SER A 43 24.65 1.36 1.45
CA SER A 43 24.56 2.80 1.35
C SER A 43 23.58 3.20 0.25
N LEU A 44 22.75 4.19 0.55
CA LEU A 44 21.80 4.75 -0.40
C LEU A 44 22.21 6.13 -0.88
N ARG A 45 23.45 6.54 -0.63
CA ARG A 45 23.92 7.88 -0.95
C ARG A 45 24.41 7.91 -2.39
N ASP A 46 23.65 8.59 -3.25
CA ASP A 46 23.96 8.73 -4.67
C ASP A 46 24.06 7.39 -5.37
N GLU A 47 23.38 6.37 -4.85
CA GLU A 47 23.33 5.07 -5.51
C GLU A 47 22.17 4.27 -4.94
N PHE A 48 21.75 3.28 -5.72
CA PHE A 48 20.63 2.40 -5.37
C PHE A 48 21.10 0.95 -5.39
N PRO A 49 20.87 0.17 -4.32
CA PRO A 49 21.42 -1.19 -4.23
C PRO A 49 20.62 -2.21 -5.03
N LEU A 50 20.62 -2.05 -6.34
CA LEU A 50 20.08 -3.04 -7.26
C LEU A 50 21.26 -3.89 -7.72
N LEU A 51 21.22 -5.18 -7.40
CA LEU A 51 22.40 -6.03 -7.57
C LEU A 51 22.83 -6.10 -9.03
N THR A 52 24.15 -6.08 -9.24
CA THR A 52 24.71 -6.13 -10.58
C THR A 52 25.27 -7.50 -10.95
N THR A 53 25.61 -8.34 -9.96
CA THR A 53 26.05 -9.69 -10.27
C THR A 53 24.91 -10.56 -10.79
N LYS A 54 23.67 -10.07 -10.71
CA LYS A 54 22.51 -10.79 -11.23
C LYS A 54 21.39 -9.79 -11.44
N ARG A 55 20.72 -9.88 -12.58
CA ARG A 55 19.61 -8.97 -12.85
C ARG A 55 18.46 -9.22 -11.89
N VAL A 56 17.93 -8.15 -11.31
CA VAL A 56 16.82 -8.22 -10.37
C VAL A 56 15.57 -7.67 -11.04
N PHE A 57 14.44 -8.33 -10.80
CA PHE A 57 13.16 -7.95 -11.40
C PHE A 57 12.72 -6.61 -10.82
N TRP A 58 13.27 -5.53 -11.39
CA TRP A 58 12.99 -4.19 -10.88
C TRP A 58 11.54 -3.79 -11.07
N LYS A 59 10.96 -4.12 -12.23
CA LYS A 59 9.54 -3.85 -12.44
C LYS A 59 8.70 -4.50 -11.36
N GLY A 60 9.06 -5.72 -10.97
CA GLY A 60 8.35 -6.38 -9.89
C GLY A 60 8.52 -5.65 -8.56
N VAL A 61 9.73 -5.16 -8.28
CA VAL A 61 9.97 -4.43 -7.04
C VAL A 61 9.08 -3.19 -6.97
N LEU A 62 9.09 -2.38 -8.02
CA LEU A 62 8.33 -1.14 -8.01
C LEU A 62 6.82 -1.42 -7.93
N GLU A 63 6.34 -2.36 -8.74
CA GLU A 63 4.90 -2.65 -8.73
C GLU A 63 4.46 -3.28 -7.44
N GLU A 64 5.31 -4.10 -6.81
CA GLU A 64 4.94 -4.70 -5.53
C GLU A 64 4.94 -3.69 -4.40
N LEU A 65 5.87 -2.72 -4.43
CA LEU A 65 5.83 -1.69 -3.40
C LEU A 65 4.61 -0.80 -3.57
N LEU A 66 4.28 -0.44 -4.81
CA LEU A 66 3.05 0.31 -5.06
C LEU A 66 1.82 -0.49 -4.66
N TRP A 67 1.88 -1.82 -4.82
CA TRP A 67 0.79 -2.70 -4.42
C TRP A 67 0.66 -2.78 -2.90
N PHE A 68 1.78 -2.74 -2.19
CA PHE A 68 1.77 -2.69 -0.73
C PHE A 68 1.20 -1.37 -0.23
N ILE A 69 1.63 -0.25 -0.83
CA ILE A 69 1.19 1.05 -0.34
C ILE A 69 -0.31 1.22 -0.51
N LYS A 70 -0.88 0.63 -1.56
CA LYS A 70 -2.33 0.68 -1.76
C LYS A 70 -3.10 -0.16 -0.76
N GLY A 71 -2.41 -0.94 0.08
CA GLY A 71 -3.09 -1.81 1.02
C GLY A 71 -3.76 -3.02 0.41
N SER A 72 -3.35 -3.39 -0.80
CA SER A 72 -4.01 -4.48 -1.51
C SER A 72 -3.48 -5.83 -1.09
N THR A 73 -4.38 -6.81 -0.97
CA THR A 73 -4.03 -8.19 -0.70
C THR A 73 -4.46 -9.11 -1.83
N ASN A 74 -4.82 -8.57 -2.98
CA ASN A 74 -5.25 -9.34 -4.14
C ASN A 74 -4.04 -9.56 -5.06
N ALA A 75 -3.65 -10.82 -5.23
CA ALA A 75 -2.50 -11.13 -6.07
C ALA A 75 -2.79 -10.88 -7.55
N LYS A 76 -4.05 -10.98 -7.96
CA LYS A 76 -4.42 -10.75 -9.35
C LYS A 76 -4.21 -9.30 -9.77
N GLU A 77 -4.38 -8.36 -8.84
CA GLU A 77 -4.13 -6.95 -9.17
C GLU A 77 -2.66 -6.70 -9.44
N LEU A 78 -1.77 -7.48 -8.81
CA LEU A 78 -0.35 -7.37 -9.10
C LEU A 78 0.03 -8.18 -10.34
N SER A 79 -0.65 -9.29 -10.58
CA SER A 79 -0.35 -10.11 -11.75
C SER A 79 -0.79 -9.43 -13.04
N SER A 80 -1.85 -8.63 -13.00
CA SER A 80 -2.29 -7.92 -14.20
C SER A 80 -1.25 -6.90 -14.67
N LYS A 81 -0.35 -6.46 -13.79
CA LYS A 81 0.72 -5.56 -14.17
C LYS A 81 1.93 -6.28 -14.74
N GLY A 82 1.93 -7.61 -14.74
CA GLY A 82 3.08 -8.37 -15.20
C GLY A 82 3.95 -8.94 -14.11
N VAL A 83 3.53 -8.87 -12.86
CA VAL A 83 4.32 -9.36 -11.73
C VAL A 83 3.56 -10.55 -11.12
N LYS A 84 4.07 -11.76 -11.36
CA LYS A 84 3.39 -12.98 -10.93
C LYS A 84 4.08 -13.64 -9.74
N ILE A 85 4.74 -12.84 -8.91
CA ILE A 85 5.51 -13.41 -7.80
C ILE A 85 4.62 -13.96 -6.70
N TRP A 86 3.38 -13.47 -6.58
CA TRP A 86 2.46 -13.91 -5.54
C TRP A 86 1.36 -14.82 -6.09
N ASP A 87 1.42 -15.19 -7.36
CA ASP A 87 0.40 -16.06 -7.94
C ASP A 87 0.49 -17.48 -7.40
N ALA A 88 1.69 -17.93 -7.04
CA ALA A 88 1.84 -19.29 -6.53
C ALA A 88 1.24 -19.43 -5.13
N ASN A 89 1.50 -18.46 -4.25
CA ASN A 89 0.93 -18.46 -2.92
C ASN A 89 -0.54 -18.05 -2.92
N GLY A 90 -1.06 -17.54 -4.03
CA GLY A 90 -2.47 -17.23 -4.16
C GLY A 90 -3.23 -18.15 -5.08
N SER A 91 -2.66 -19.28 -5.51
CA SER A 91 -3.34 -20.18 -6.43
C SER A 91 -4.44 -20.96 -5.71
N ARG A 92 -5.33 -21.54 -6.51
CA ARG A 92 -6.41 -22.36 -5.95
C ARG A 92 -5.86 -23.55 -5.19
N ASP A 93 -4.86 -24.22 -5.76
CA ASP A 93 -4.32 -25.42 -5.12
C ASP A 93 -3.64 -25.09 -3.80
N PHE A 94 -2.96 -23.94 -3.72
CA PHE A 94 -2.27 -23.58 -2.49
C PHE A 94 -3.25 -23.14 -1.41
N LEU A 95 -4.21 -22.28 -1.77
CA LEU A 95 -5.25 -21.89 -0.82
C LEU A 95 -6.00 -23.10 -0.30
N ASP A 96 -6.23 -24.10 -1.16
CA ASP A 96 -6.82 -25.35 -0.68
C ASP A 96 -5.85 -26.13 0.19
N SER A 97 -4.55 -26.07 -0.10
CA SER A 97 -3.55 -26.74 0.72
C SER A 97 -3.42 -26.13 2.10
N LEU A 98 -3.95 -24.92 2.31
CA LEU A 98 -3.99 -24.32 3.64
C LEU A 98 -5.38 -24.32 4.27
N GLY A 99 -6.36 -25.01 3.67
CA GLY A 99 -7.68 -25.10 4.25
C GLY A 99 -8.66 -24.06 3.80
N PHE A 100 -8.21 -23.03 3.08
CA PHE A 100 -9.07 -21.92 2.64
C PHE A 100 -9.85 -22.35 1.40
N SER A 101 -10.81 -23.24 1.63
CA SER A 101 -11.57 -23.81 0.52
C SER A 101 -12.55 -22.81 -0.08
N THR A 102 -13.15 -21.97 0.77
CA THR A 102 -14.14 -21.00 0.31
C THR A 102 -13.53 -19.64 -0.01
N ARG A 103 -12.21 -19.54 -0.12
CA ARG A 103 -11.54 -18.28 -0.40
C ARG A 103 -11.29 -18.15 -1.90
N GLU A 104 -11.64 -16.98 -2.45
CA GLU A 104 -11.43 -16.72 -3.87
C GLU A 104 -9.94 -16.80 -4.22
N GLU A 105 -9.66 -17.21 -5.46
CA GLU A 105 -8.28 -17.35 -5.90
C GLU A 105 -7.61 -15.99 -6.03
N GLY A 106 -6.39 -15.89 -5.51
CA GLY A 106 -5.65 -14.65 -5.48
C GLY A 106 -5.75 -13.89 -4.18
N ASP A 107 -6.60 -14.33 -3.27
CA ASP A 107 -6.77 -13.67 -1.97
C ASP A 107 -5.70 -14.20 -1.03
N LEU A 108 -4.68 -13.38 -0.77
CA LEU A 108 -3.57 -13.80 0.09
C LEU A 108 -3.90 -13.66 1.57
N GLY A 109 -5.05 -13.11 1.91
CA GLY A 109 -5.40 -12.86 3.30
C GLY A 109 -4.79 -11.56 3.78
N PRO A 110 -4.80 -11.33 5.09
CA PRO A 110 -4.22 -10.08 5.61
C PRO A 110 -2.70 -10.11 5.58
N VAL A 111 -2.09 -9.52 4.55
CA VAL A 111 -0.64 -9.59 4.40
C VAL A 111 -0.05 -8.18 4.41
N TYR A 112 1.15 -8.04 3.83
CA TYR A 112 1.97 -6.86 4.03
C TYR A 112 1.20 -5.55 3.87
N GLY A 113 0.42 -5.43 2.79
CA GLY A 113 -0.27 -4.16 2.56
C GLY A 113 -1.37 -3.91 3.56
N PHE A 114 -2.10 -4.97 3.92
CA PHE A 114 -3.19 -4.83 4.89
C PHE A 114 -2.66 -4.45 6.26
N GLN A 115 -1.50 -4.98 6.63
CA GLN A 115 -0.90 -4.60 7.91
C GLN A 115 -0.28 -3.21 7.84
N TRP A 116 0.26 -2.83 6.69
CA TRP A 116 0.86 -1.51 6.54
C TRP A 116 -0.20 -0.41 6.68
N ARG A 117 -1.41 -0.66 6.15
CA ARG A 117 -2.40 0.40 6.08
C ARG A 117 -3.59 0.21 7.01
N HIS A 118 -3.88 -1.02 7.46
CA HIS A 118 -5.05 -1.27 8.31
C HIS A 118 -4.74 -2.31 9.38
N PHE A 119 -3.71 -2.07 10.19
CA PHE A 119 -3.36 -2.99 11.27
C PHE A 119 -4.46 -2.99 12.32
N GLY A 120 -4.98 -4.18 12.62
CA GLY A 120 -6.02 -4.36 13.61
C GLY A 120 -7.43 -4.39 13.05
N ALA A 121 -7.61 -4.04 11.78
CA ALA A 121 -8.92 -4.09 11.17
C ALA A 121 -9.35 -5.53 10.91
N GLU A 122 -10.65 -5.76 10.94
CA GLU A 122 -11.22 -7.09 10.70
C GLU A 122 -11.16 -7.39 9.20
N TYR A 123 -10.38 -8.39 8.82
CA TYR A 123 -10.20 -8.72 7.42
C TYR A 123 -11.42 -9.49 6.91
N ARG A 124 -12.02 -9.00 5.83
CA ARG A 124 -13.15 -9.69 5.20
C ARG A 124 -12.66 -10.47 3.99
N ASP A 125 -12.40 -9.78 2.87
CA ASP A 125 -11.78 -10.41 1.71
C ASP A 125 -10.94 -9.36 0.99
N MET A 126 -10.40 -9.74 -0.17
CA MET A 126 -9.56 -8.84 -0.94
C MET A 126 -10.34 -7.76 -1.66
N GLU A 127 -11.64 -7.97 -1.87
CA GLU A 127 -12.48 -7.00 -2.57
C GLU A 127 -13.05 -5.93 -1.65
N SER A 128 -12.93 -6.10 -0.33
CA SER A 128 -13.51 -5.15 0.61
C SER A 128 -12.72 -3.84 0.60
N ASP A 129 -13.42 -2.76 0.91
CA ASP A 129 -12.81 -1.44 1.04
C ASP A 129 -12.54 -1.18 2.52
N TYR A 130 -11.25 -1.09 2.89
CA TYR A 130 -10.85 -0.95 4.28
C TYR A 130 -10.46 0.48 4.62
N SER A 131 -11.00 1.46 3.89
CA SER A 131 -10.70 2.86 4.19
C SER A 131 -11.14 3.19 5.62
N GLY A 132 -10.27 3.91 6.34
CA GLY A 132 -10.55 4.32 7.70
C GLY A 132 -10.43 3.24 8.75
N GLN A 133 -10.32 1.97 8.37
CA GLN A 133 -10.19 0.89 9.32
C GLN A 133 -8.73 0.59 9.63
N GLY A 134 -8.50 0.01 10.80
CA GLY A 134 -7.15 -0.36 11.19
C GLY A 134 -6.27 0.85 11.49
N VAL A 135 -4.99 0.53 11.72
CA VAL A 135 -3.97 1.53 11.98
C VAL A 135 -3.16 1.75 10.71
N ASP A 136 -3.03 3.01 10.30
CA ASP A 136 -2.26 3.38 9.11
C ASP A 136 -0.82 3.60 9.55
N GLN A 137 -0.03 2.53 9.56
CA GLN A 137 1.33 2.61 10.07
C GLN A 137 2.22 3.45 9.17
N LEU A 138 2.08 3.30 7.85
CA LEU A 138 2.96 4.01 6.92
C LEU A 138 2.81 5.52 7.04
N GLN A 139 1.57 6.00 6.99
CA GLN A 139 1.35 7.43 7.15
C GLN A 139 1.76 7.91 8.53
N ARG A 140 1.63 7.06 9.55
CA ARG A 140 2.06 7.44 10.89
C ARG A 140 3.57 7.61 10.96
N VAL A 141 4.33 6.73 10.30
CA VAL A 141 5.78 6.89 10.35
C VAL A 141 6.19 8.09 9.50
N ILE A 142 5.48 8.36 8.41
CA ILE A 142 5.82 9.55 7.60
C ILE A 142 5.56 10.82 8.40
N ASP A 143 4.41 10.90 9.08
CA ASP A 143 4.13 12.06 9.91
C ASP A 143 5.13 12.17 11.06
N THR A 144 5.56 11.05 11.62
CA THR A 144 6.53 11.08 12.71
C THR A 144 7.88 11.60 12.22
N ILE A 145 8.31 11.17 11.03
CA ILE A 145 9.54 11.67 10.45
C ILE A 145 9.42 13.16 10.16
N LYS A 146 8.24 13.62 9.74
CA LYS A 146 8.06 15.03 9.43
C LYS A 146 8.08 15.90 10.69
N THR A 147 7.45 15.44 11.76
CA THR A 147 7.26 16.29 12.94
C THR A 147 8.21 15.99 14.10
N ASN A 148 8.72 14.77 14.21
CA ASN A 148 9.58 14.39 15.34
C ASN A 148 10.62 13.40 14.85
N PRO A 149 11.63 13.87 14.12
CA PRO A 149 12.60 12.94 13.53
C PRO A 149 13.48 12.24 14.55
N ASP A 150 13.67 12.80 15.74
CA ASP A 150 14.46 12.14 16.77
C ASP A 150 13.72 11.02 17.48
N ASP A 151 12.47 10.76 17.10
CA ASP A 151 11.70 9.70 17.72
C ASP A 151 12.34 8.35 17.47
N ARG A 152 12.39 7.52 18.50
CA ARG A 152 12.98 6.18 18.42
C ARG A 152 11.91 5.10 18.27
N ARG A 153 10.70 5.47 17.87
CA ARG A 153 9.60 4.52 17.73
C ARG A 153 9.01 4.51 16.33
N ILE A 154 9.75 5.03 15.34
CA ILE A 154 9.32 5.04 13.96
C ILE A 154 9.40 3.61 13.41
N ILE A 155 8.37 2.82 13.65
CA ILE A 155 8.38 1.40 13.30
C ILE A 155 7.12 1.06 12.51
N MET A 156 7.30 0.30 11.44
CA MET A 156 6.20 -0.31 10.71
C MET A 156 6.34 -1.82 10.83
N CYS A 157 5.35 -2.46 11.44
CA CYS A 157 5.37 -3.88 11.72
C CYS A 157 4.24 -4.58 10.99
N ALA A 158 4.56 -5.69 10.31
CA ALA A 158 3.58 -6.48 9.58
C ALA A 158 3.26 -7.81 10.26
N TRP A 159 3.89 -8.09 11.41
CA TRP A 159 3.65 -9.33 12.13
C TRP A 159 2.43 -9.16 13.03
N ASN A 160 1.32 -9.78 12.66
CA ASN A 160 0.07 -9.73 13.42
C ASN A 160 -0.32 -11.15 13.80
N PRO A 161 -0.06 -11.57 15.03
CA PRO A 161 -0.43 -12.94 15.44
C PRO A 161 -1.92 -13.23 15.32
N ARG A 162 -2.78 -12.22 15.44
CA ARG A 162 -4.22 -12.46 15.33
C ARG A 162 -4.61 -12.81 13.89
N ASP A 163 -4.03 -12.10 12.92
CA ASP A 163 -4.27 -12.38 11.51
C ASP A 163 -3.34 -13.43 10.93
N LEU A 164 -2.48 -14.02 11.76
CA LEU A 164 -1.46 -14.94 11.25
C LEU A 164 -2.06 -16.19 10.61
N PRO A 165 -3.01 -16.91 11.24
CA PRO A 165 -3.55 -18.12 10.59
C PRO A 165 -4.41 -17.84 9.36
N LEU A 166 -4.69 -16.58 9.03
CA LEU A 166 -5.45 -16.23 7.85
C LEU A 166 -4.57 -15.87 6.65
N MET A 167 -3.26 -15.89 6.80
CA MET A 167 -2.35 -15.47 5.73
C MET A 167 -1.91 -16.67 4.90
N ALA A 168 -1.87 -16.48 3.57
CA ALA A 168 -1.33 -17.51 2.70
C ALA A 168 0.15 -17.73 2.96
N LEU A 169 0.89 -16.65 3.21
CA LEU A 169 2.30 -16.71 3.59
C LEU A 169 2.60 -15.65 4.64
N PRO A 170 2.96 -16.04 5.85
CA PRO A 170 3.25 -15.04 6.88
C PRO A 170 4.39 -14.15 6.44
N PRO A 171 4.44 -12.92 6.97
CA PRO A 171 5.43 -11.95 6.47
C PRO A 171 6.86 -12.41 6.74
N CYS A 172 7.70 -12.28 5.73
CA CYS A 172 9.12 -12.58 5.88
C CYS A 172 9.91 -11.35 6.31
N HIS A 173 9.63 -10.20 5.70
CA HIS A 173 10.13 -8.92 6.21
C HIS A 173 9.05 -8.37 7.13
N ALA A 174 9.15 -8.73 8.41
CA ALA A 174 8.06 -8.53 9.36
C ALA A 174 8.07 -7.18 10.04
N LEU A 175 9.23 -6.55 10.19
CA LEU A 175 9.32 -5.31 10.96
C LEU A 175 10.42 -4.45 10.36
N CYS A 176 10.19 -3.14 10.31
CA CYS A 176 11.22 -2.22 9.88
C CYS A 176 11.15 -0.96 10.72
N GLN A 177 12.31 -0.33 10.90
CA GLN A 177 12.46 0.86 11.72
C GLN A 177 13.18 1.94 10.93
N PHE A 178 12.78 3.19 11.14
CA PHE A 178 13.39 4.32 10.47
C PHE A 178 14.15 5.19 11.47
N TYR A 179 15.12 5.94 10.94
CA TYR A 179 16.05 6.69 11.76
C TYR A 179 16.48 7.93 10.99
N VAL A 180 16.52 9.07 11.67
CA VAL A 180 16.83 10.34 11.02
C VAL A 180 17.99 10.99 11.77
N VAL A 181 19.03 11.38 11.02
CA VAL A 181 20.11 12.16 11.61
C VAL A 181 20.82 12.93 10.51
N ASN A 182 21.11 14.21 10.80
CA ASN A 182 21.79 15.10 9.85
C ASN A 182 21.07 15.14 8.51
N SER A 183 19.74 15.22 8.57
CA SER A 183 18.88 15.26 7.39
C SER A 183 19.09 14.03 6.50
N GLU A 184 19.45 12.90 7.11
CA GLU A 184 19.60 11.64 6.41
C GLU A 184 18.67 10.61 7.01
N LEU A 185 17.86 9.98 6.16
CA LEU A 185 16.89 8.97 6.58
C LEU A 185 17.47 7.58 6.28
N SER A 186 17.64 6.79 7.33
CA SER A 186 18.09 5.41 7.24
C SER A 186 16.96 4.47 7.66
N CYS A 187 17.07 3.22 7.23
CA CYS A 187 16.03 2.22 7.44
C CYS A 187 16.67 0.88 7.76
N GLN A 188 16.20 0.24 8.81
CA GLN A 188 16.61 -1.12 9.15
C GLN A 188 15.41 -2.05 8.97
N LEU A 189 15.68 -3.24 8.43
CA LEU A 189 14.66 -4.24 8.20
C LEU A 189 15.05 -5.52 8.94
N TYR A 190 14.10 -6.10 9.67
CA TYR A 190 14.28 -7.42 10.24
C TYR A 190 13.51 -8.41 9.37
N GLN A 191 14.23 -9.29 8.70
CA GLN A 191 13.65 -10.35 7.88
C GLN A 191 13.80 -11.66 8.62
N ARG A 192 12.68 -12.25 9.03
CA ARG A 192 12.70 -13.48 9.80
C ARG A 192 13.19 -14.66 8.96
N SER A 193 12.92 -14.65 7.66
CA SER A 193 13.26 -15.74 6.77
C SER A 193 13.78 -15.15 5.46
N GLY A 194 15.02 -15.48 5.11
CA GLY A 194 15.64 -14.93 3.93
C GLY A 194 16.05 -15.95 2.90
N ASP A 195 15.29 -16.02 1.80
CA ASP A 195 15.68 -16.76 0.61
C ASP A 195 16.81 -16.00 -0.05
N MET A 196 18.04 -16.43 0.21
CA MET A 196 19.21 -15.65 -0.21
C MET A 196 19.33 -15.58 -1.72
N GLY A 197 18.89 -16.62 -2.43
CA GLY A 197 19.03 -16.63 -3.88
C GLY A 197 17.95 -15.83 -4.59
N LEU A 198 16.71 -15.99 -4.16
CA LEU A 198 15.56 -15.42 -4.86
C LEU A 198 15.04 -14.15 -4.19
N GLY A 199 14.65 -14.24 -2.92
CA GLY A 199 13.89 -13.15 -2.31
C GLY A 199 14.71 -12.01 -1.75
N VAL A 200 15.91 -12.29 -1.22
CA VAL A 200 16.69 -11.28 -0.51
C VAL A 200 17.14 -10.14 -1.44
N PRO A 201 17.66 -10.42 -2.65
CA PRO A 201 17.97 -9.30 -3.55
C PRO A 201 16.75 -8.47 -3.89
N PHE A 202 15.58 -9.10 -3.94
CA PHE A 202 14.34 -8.38 -4.19
C PHE A 202 13.97 -7.48 -3.01
N ASN A 203 14.08 -8.00 -1.79
CA ASN A 203 13.70 -7.23 -0.61
C ASN A 203 14.66 -6.08 -0.33
N ILE A 204 15.94 -6.26 -0.64
CA ILE A 204 16.90 -5.17 -0.49
C ILE A 204 16.45 -3.96 -1.31
N ALA A 205 16.20 -4.19 -2.60
CA ALA A 205 15.76 -3.10 -3.46
C ALA A 205 14.39 -2.59 -3.06
N SER A 206 13.51 -3.47 -2.60
CA SER A 206 12.18 -3.05 -2.19
C SER A 206 12.27 -2.03 -1.05
N TYR A 207 13.04 -2.34 -0.01
CA TYR A 207 13.09 -1.43 1.12
C TYR A 207 13.97 -0.22 0.85
N ALA A 208 14.96 -0.34 -0.03
CA ALA A 208 15.69 0.84 -0.47
C ALA A 208 14.76 1.81 -1.21
N LEU A 209 13.87 1.28 -2.05
CA LEU A 209 12.92 2.12 -2.75
C LEU A 209 11.93 2.77 -1.78
N LEU A 210 11.49 2.02 -0.76
CA LEU A 210 10.61 2.62 0.24
C LEU A 210 11.32 3.75 0.97
N THR A 211 12.60 3.57 1.29
CA THR A 211 13.35 4.64 1.94
C THR A 211 13.50 5.84 1.03
N TYR A 212 13.72 5.61 -0.26
CA TYR A 212 13.80 6.72 -1.21
C TYR A 212 12.48 7.48 -1.28
N MET A 213 11.35 6.76 -1.33
CA MET A 213 10.05 7.43 -1.38
C MET A 213 9.83 8.29 -0.15
N ILE A 214 10.10 7.73 1.03
CA ILE A 214 9.82 8.49 2.25
C ILE A 214 10.77 9.67 2.38
N ALA A 215 12.03 9.50 1.95
CA ALA A 215 12.97 10.62 1.98
C ALA A 215 12.55 11.71 1.01
N HIS A 216 11.99 11.33 -0.14
CA HIS A 216 11.51 12.32 -1.09
C HIS A 216 10.33 13.10 -0.53
N ILE A 217 9.43 12.40 0.18
CA ILE A 217 8.24 13.06 0.72
C ILE A 217 8.61 13.98 1.88
N THR A 218 9.47 13.52 2.78
CA THR A 218 9.81 14.30 3.97
C THR A 218 10.97 15.26 3.75
N GLY A 219 11.49 15.34 2.54
CA GLY A 219 12.57 16.28 2.25
C GLY A 219 13.91 15.92 2.85
N LEU A 220 14.17 14.63 3.05
CA LEU A 220 15.43 14.15 3.60
C LEU A 220 16.24 13.45 2.51
N LYS A 221 17.50 13.20 2.83
CA LYS A 221 18.34 12.48 1.89
C LYS A 221 18.48 11.02 2.32
N PRO A 222 18.43 10.08 1.38
CA PRO A 222 18.59 8.66 1.76
C PRO A 222 19.96 8.40 2.37
N GLY A 223 19.97 7.64 3.45
CA GLY A 223 21.20 7.34 4.15
C GLY A 223 21.68 5.92 3.95
N ASP A 224 21.39 5.05 4.90
CA ASP A 224 21.77 3.64 4.83
C ASP A 224 20.53 2.77 4.97
N PHE A 225 20.62 1.56 4.44
CA PHE A 225 19.62 0.51 4.66
C PHE A 225 20.32 -0.64 5.36
N ILE A 226 19.86 -0.96 6.57
CA ILE A 226 20.46 -2.02 7.36
C ILE A 226 19.56 -3.24 7.25
N HIS A 227 20.06 -4.30 6.62
CA HIS A 227 19.30 -5.53 6.42
C HIS A 227 19.73 -6.54 7.49
N THR A 228 18.84 -6.80 8.43
CA THR A 228 19.06 -7.82 9.46
C THR A 228 18.27 -9.06 9.10
N LEU A 229 18.91 -10.21 9.22
CA LEU A 229 18.33 -11.50 8.83
C LEU A 229 18.28 -12.42 10.03
N GLY A 230 17.15 -13.09 10.20
CA GLY A 230 17.01 -14.14 11.18
C GLY A 230 17.51 -15.45 10.60
N ASP A 231 16.62 -16.21 9.98
CA ASP A 231 16.98 -17.47 9.30
C ASP A 231 17.35 -17.13 7.87
N ALA A 232 18.64 -16.90 7.61
CA ALA A 232 19.13 -16.66 6.26
C ALA A 232 19.54 -18.01 5.67
N HIS A 233 18.84 -18.46 4.64
CA HIS A 233 19.07 -19.80 4.11
C HIS A 233 19.21 -19.74 2.60
N ILE A 234 20.03 -20.66 2.09
CA ILE A 234 20.19 -20.90 0.66
C ILE A 234 19.61 -22.27 0.36
N TYR A 235 18.59 -22.31 -0.49
CA TYR A 235 18.02 -23.59 -0.89
C TYR A 235 19.05 -24.44 -1.63
N LEU A 236 18.86 -25.76 -1.57
CA LEU A 236 19.83 -26.67 -2.15
C LEU A 236 19.93 -26.48 -3.67
N ASN A 237 18.77 -26.40 -4.35
CA ASN A 237 18.75 -26.17 -5.79
C ASN A 237 19.25 -24.79 -6.18
N HIS A 238 19.67 -23.97 -5.21
CA HIS A 238 20.28 -22.67 -5.47
C HIS A 238 21.77 -22.67 -5.22
N ILE A 239 22.36 -23.79 -4.79
CA ILE A 239 23.78 -23.80 -4.42
C ILE A 239 24.65 -23.53 -5.65
N GLU A 240 24.55 -24.40 -6.66
CA GLU A 240 25.36 -24.22 -7.86
C GLU A 240 25.07 -22.92 -8.61
N PRO A 241 23.81 -22.48 -8.78
CA PRO A 241 23.58 -21.16 -9.39
C PRO A 241 24.31 -20.04 -8.68
N LEU A 242 24.22 -19.98 -7.36
CA LEU A 242 24.84 -18.89 -6.62
C LEU A 242 26.35 -18.89 -6.80
N LYS A 243 26.98 -20.08 -6.81
CA LYS A 243 28.41 -20.14 -7.09
C LYS A 243 28.75 -19.42 -8.38
N ILE A 244 27.92 -19.58 -9.42
CA ILE A 244 28.13 -18.84 -10.66
C ILE A 244 28.14 -17.35 -10.38
N GLN A 245 27.07 -16.86 -9.75
CA GLN A 245 26.99 -15.45 -9.40
C GLN A 245 28.16 -15.05 -8.50
N LEU A 246 28.69 -15.99 -7.73
CA LEU A 246 29.77 -15.64 -6.81
C LEU A 246 31.10 -15.39 -7.51
N GLN A 247 31.23 -15.76 -8.80
CA GLN A 247 32.47 -15.53 -9.53
C GLN A 247 32.32 -14.49 -10.63
N ARG A 248 31.34 -13.59 -10.48
CA ARG A 248 31.15 -12.48 -11.40
C ARG A 248 31.70 -11.20 -10.77
N GLU A 249 32.32 -10.37 -11.59
CA GLU A 249 32.86 -9.11 -11.09
C GLU A 249 31.70 -8.13 -10.87
N PRO A 250 31.48 -7.65 -9.65
CA PRO A 250 30.37 -6.72 -9.43
C PRO A 250 30.65 -5.38 -10.09
N ARG A 251 29.60 -4.80 -10.67
CA ARG A 251 29.62 -3.51 -11.32
C ARG A 251 29.02 -2.45 -10.40
N PRO A 252 29.32 -1.17 -10.64
CA PRO A 252 28.79 -0.12 -9.76
C PRO A 252 27.27 -0.11 -9.75
N PHE A 253 26.72 0.24 -8.58
CA PHE A 253 25.28 0.31 -8.42
C PHE A 253 24.69 1.42 -9.29
N PRO A 254 23.45 1.25 -9.75
CA PRO A 254 22.80 2.30 -10.54
C PRO A 254 22.36 3.48 -9.69
N LYS A 255 21.53 4.36 -10.26
CA LYS A 255 20.95 5.47 -9.55
C LYS A 255 19.44 5.44 -9.73
N LEU A 256 18.73 5.95 -8.73
CA LEU A 256 17.28 6.06 -8.74
C LEU A 256 16.91 7.54 -8.80
N ARG A 257 16.07 7.91 -9.77
CA ARG A 257 15.67 9.28 -9.94
C ARG A 257 14.14 9.38 -9.91
N ILE A 258 13.63 10.24 -9.05
CA ILE A 258 12.20 10.52 -8.99
C ILE A 258 11.92 11.74 -9.85
N LEU A 259 11.01 11.60 -10.82
CA LEU A 259 10.88 12.58 -11.90
C LEU A 259 10.03 13.78 -11.53
N ARG A 260 9.17 13.69 -10.51
CA ARG A 260 8.31 14.80 -10.15
C ARG A 260 8.15 14.88 -8.63
N LYS A 261 7.81 16.07 -8.16
CA LYS A 261 7.61 16.31 -6.73
C LYS A 261 6.28 15.71 -6.30
N VAL A 262 6.32 14.85 -5.29
CA VAL A 262 5.14 14.16 -4.78
C VAL A 262 4.91 14.54 -3.33
N GLU A 263 3.66 14.76 -2.96
CA GLU A 263 3.31 15.20 -1.61
C GLU A 263 2.90 14.05 -0.69
N LYS A 264 2.07 13.13 -1.18
CA LYS A 264 1.60 12.00 -0.39
C LYS A 264 2.15 10.70 -0.96
N ILE A 265 2.31 9.70 -0.08
CA ILE A 265 2.87 8.42 -0.52
C ILE A 265 1.92 7.69 -1.44
N ASP A 266 0.61 7.94 -1.32
CA ASP A 266 -0.37 7.28 -2.17
C ASP A 266 -0.36 7.83 -3.58
N ASP A 267 0.22 9.00 -3.80
CA ASP A 267 0.24 9.65 -5.11
C ASP A 267 1.38 9.17 -6.00
N PHE A 268 2.23 8.26 -5.53
CA PHE A 268 3.30 7.75 -6.37
C PHE A 268 2.76 6.83 -7.46
N LYS A 269 3.30 6.96 -8.66
CA LYS A 269 2.96 6.11 -9.78
C LYS A 269 4.24 5.52 -10.36
N ALA A 270 4.09 4.44 -11.13
CA ALA A 270 5.26 3.75 -11.66
C ALA A 270 6.05 4.63 -12.62
N GLU A 271 5.39 5.54 -13.32
CA GLU A 271 6.07 6.40 -14.28
C GLU A 271 6.95 7.46 -13.61
N ASP A 272 6.84 7.62 -12.29
CA ASP A 272 7.60 8.64 -11.58
C ASP A 272 9.05 8.25 -11.32
N PHE A 273 9.42 6.99 -11.53
CA PHE A 273 10.74 6.49 -11.15
C PHE A 273 11.54 6.10 -12.39
N GLN A 274 12.84 6.39 -12.36
CA GLN A 274 13.73 6.05 -13.47
C GLN A 274 15.03 5.52 -12.91
N ILE A 275 15.41 4.33 -13.37
CA ILE A 275 16.69 3.72 -13.01
C ILE A 275 17.72 4.10 -14.07
N GLU A 276 18.85 4.63 -13.63
CA GLU A 276 19.90 5.11 -14.52
C GLU A 276 21.18 4.31 -14.30
N GLY A 277 21.77 3.84 -15.39
CA GLY A 277 23.06 3.17 -15.30
C GLY A 277 23.03 1.76 -14.74
N TYR A 278 21.95 1.02 -14.95
CA TYR A 278 21.85 -0.35 -14.47
C TYR A 278 22.38 -1.28 -15.56
N ASN A 279 23.58 -1.83 -15.34
CA ASN A 279 24.22 -2.77 -16.28
C ASN A 279 24.53 -4.06 -15.52
N PRO A 280 23.53 -4.90 -15.30
CA PRO A 280 23.76 -6.15 -14.57
C PRO A 280 24.20 -7.30 -15.47
N HIS A 281 24.76 -8.32 -14.84
CA HIS A 281 24.99 -9.58 -15.52
C HIS A 281 23.67 -10.25 -15.82
N PRO A 282 23.64 -11.19 -16.77
CA PRO A 282 22.37 -11.87 -17.11
C PRO A 282 21.73 -12.52 -15.89
N THR A 283 20.44 -12.79 -16.02
CA THR A 283 19.70 -13.40 -14.93
C THR A 283 20.18 -14.84 -14.72
N ILE A 284 19.90 -15.37 -13.53
CA ILE A 284 20.22 -16.74 -13.16
C ILE A 284 18.95 -17.37 -12.61
N LYS A 285 18.45 -18.39 -13.29
CA LYS A 285 17.19 -19.03 -12.89
C LYS A 285 17.33 -19.66 -11.52
N MET A 286 16.45 -19.25 -10.60
CA MET A 286 16.39 -19.82 -9.25
C MET A 286 14.91 -20.01 -8.93
N GLU A 287 14.45 -21.25 -9.03
CA GLU A 287 13.03 -21.55 -8.91
C GLU A 287 12.53 -21.36 -7.49
N MET A 288 11.27 -20.93 -7.37
CA MET A 288 10.66 -20.69 -6.07
C MET A 288 10.29 -22.01 -5.41
N ALA A 289 10.27 -21.99 -4.07
CA ALA A 289 9.85 -23.16 -3.31
C ALA A 289 8.55 -22.89 -2.55
N SER B 6 -3.35 14.48 -37.80
CA SER B 6 -4.02 15.16 -36.70
C SER B 6 -5.20 14.34 -36.17
N GLU B 7 -5.51 14.54 -34.89
CA GLU B 7 -6.54 13.76 -34.21
C GLU B 7 -7.94 14.14 -34.67
N LEU B 8 -8.10 15.35 -35.23
CA LEU B 8 -9.42 15.75 -35.72
C LEU B 8 -9.92 14.82 -36.82
N GLN B 9 -9.05 14.10 -37.50
CA GLN B 9 -9.53 13.14 -38.50
C GLN B 9 -10.22 11.94 -37.84
N TYR B 10 -9.63 11.41 -36.77
CA TYR B 10 -10.28 10.34 -36.03
C TYR B 10 -11.60 10.83 -35.42
N LEU B 11 -11.58 12.03 -34.82
CA LEU B 11 -12.80 12.58 -34.24
C LEU B 11 -13.86 12.82 -35.32
N GLY B 12 -13.43 13.21 -36.52
CA GLY B 12 -14.37 13.39 -37.61
C GLY B 12 -14.97 12.08 -38.08
N GLN B 13 -14.17 11.01 -38.09
CA GLN B 13 -14.72 9.71 -38.41
C GLN B 13 -15.75 9.28 -37.38
N ILE B 14 -15.47 9.57 -36.10
CA ILE B 14 -16.44 9.26 -35.04
C ILE B 14 -17.74 10.03 -35.27
N GLN B 15 -17.62 11.33 -35.52
CA GLN B 15 -18.81 12.16 -35.75
C GLN B 15 -19.58 11.70 -36.98
N HIS B 16 -18.87 11.32 -38.04
CA HIS B 16 -19.53 10.89 -39.27
C HIS B 16 -20.25 9.56 -39.08
N ILE B 17 -19.69 8.66 -38.28
CA ILE B 17 -20.40 7.41 -38.00
C ILE B 17 -21.61 7.67 -37.12
N LEU B 18 -21.49 8.62 -36.18
CA LEU B 18 -22.63 8.91 -35.32
C LEU B 18 -23.76 9.61 -36.08
N ARG B 19 -23.44 10.38 -37.11
CA ARG B 19 -24.48 11.09 -37.84
C ARG B 19 -24.96 10.38 -39.10
N CYS B 20 -24.15 9.50 -39.69
CA CYS B 20 -24.50 8.84 -40.94
C CYS B 20 -24.40 7.32 -40.91
N GLY B 21 -23.96 6.73 -39.80
CA GLY B 21 -23.86 5.29 -39.73
C GLY B 21 -25.21 4.61 -39.77
N VAL B 22 -25.20 3.34 -40.16
CA VAL B 22 -26.41 2.54 -40.27
C VAL B 22 -26.37 1.45 -39.20
N ARG B 23 -27.53 1.15 -38.63
CA ARG B 23 -27.60 0.11 -37.61
C ARG B 23 -27.37 -1.26 -38.23
N LYS B 24 -26.42 -2.01 -37.66
CA LYS B 24 -25.98 -3.27 -38.24
C LYS B 24 -25.67 -4.26 -37.12
N ASP B 25 -26.22 -5.46 -37.23
CA ASP B 25 -25.86 -6.51 -36.29
C ASP B 25 -24.44 -6.98 -36.55
N ASP B 26 -23.87 -7.69 -35.60
CA ASP B 26 -22.50 -8.17 -35.73
C ASP B 26 -22.40 -9.57 -35.15
N ARG B 27 -21.18 -10.13 -35.24
CA ARG B 27 -20.93 -11.49 -34.77
C ARG B 27 -21.27 -11.62 -33.30
N THR B 28 -20.96 -10.60 -32.50
CA THR B 28 -21.30 -10.58 -31.09
C THR B 28 -22.77 -10.21 -30.89
N GLY B 29 -23.22 -10.27 -29.63
CA GLY B 29 -24.61 -9.93 -29.32
C GLY B 29 -24.92 -8.46 -29.43
N THR B 30 -23.89 -7.61 -29.45
CA THR B 30 -24.07 -6.17 -29.47
C THR B 30 -24.64 -5.76 -30.83
N GLY B 31 -24.82 -4.46 -31.03
CA GLY B 31 -25.11 -3.90 -32.33
C GLY B 31 -24.04 -2.86 -32.65
N THR B 32 -24.07 -2.37 -33.89
CA THR B 32 -23.09 -1.37 -34.30
C THR B 32 -23.76 -0.30 -35.13
N LEU B 33 -23.20 0.90 -35.08
CA LEU B 33 -23.40 1.91 -36.11
C LEU B 33 -22.24 1.78 -37.07
N SER B 34 -22.52 1.41 -38.32
CA SER B 34 -21.50 1.01 -39.26
C SER B 34 -21.46 1.94 -40.46
N VAL B 35 -20.24 2.12 -40.99
CA VAL B 35 -19.99 2.82 -42.25
C VAL B 35 -18.91 2.05 -43.00
N PHE B 36 -19.11 1.86 -44.30
CA PHE B 36 -18.17 1.08 -45.10
C PHE B 36 -17.33 1.99 -45.98
N GLY B 37 -16.02 1.97 -45.77
CA GLY B 37 -15.10 2.71 -46.60
C GLY B 37 -14.77 4.08 -46.06
N MET B 38 -13.67 4.18 -45.32
CA MET B 38 -13.19 5.48 -44.83
C MET B 38 -11.69 5.52 -44.99
N GLN B 39 -11.14 6.73 -44.95
CA GLN B 39 -9.69 6.88 -45.04
C GLN B 39 -9.28 8.15 -44.32
N ALA B 40 -8.31 8.01 -43.41
CA ALA B 40 -7.74 9.12 -42.69
C ALA B 40 -6.23 9.17 -42.93
N ARG B 41 -5.65 10.34 -42.69
CA ARG B 41 -4.23 10.56 -42.88
C ARG B 41 -3.68 11.20 -41.61
N TYR B 42 -2.63 10.61 -41.05
CA TYR B 42 -2.03 11.08 -39.81
C TYR B 42 -0.55 11.35 -40.05
N SER B 43 -0.10 12.58 -39.76
CA SER B 43 1.29 12.94 -39.98
C SER B 43 2.17 12.37 -38.88
N LEU B 44 3.31 11.82 -39.28
CA LEU B 44 4.30 11.29 -38.35
C LEU B 44 5.54 12.16 -38.25
N ARG B 45 5.48 13.38 -38.78
CA ARG B 45 6.63 14.28 -38.82
C ARG B 45 6.70 15.09 -37.53
N ASP B 46 7.72 14.82 -36.71
CA ASP B 46 7.92 15.49 -35.42
C ASP B 46 6.75 15.31 -34.47
N GLU B 47 6.00 14.22 -34.64
CA GLU B 47 4.92 13.92 -33.71
C GLU B 47 4.51 12.46 -33.88
N PHE B 48 3.84 11.93 -32.86
CA PHE B 48 3.36 10.56 -32.82
C PHE B 48 1.86 10.57 -32.56
N PRO B 49 1.06 9.88 -33.37
CA PRO B 49 -0.41 9.96 -33.25
C PRO B 49 -0.99 9.10 -32.14
N LEU B 50 -0.62 9.44 -30.91
CA LEU B 50 -1.23 8.86 -29.72
C LEU B 50 -2.32 9.80 -29.25
N LEU B 51 -3.56 9.33 -29.26
CA LEU B 51 -4.70 10.20 -29.03
C LEU B 51 -4.61 10.89 -27.67
N THR B 52 -4.99 12.16 -27.63
CA THR B 52 -4.97 12.94 -26.41
C THR B 52 -6.36 13.14 -25.81
N THR B 53 -7.42 13.01 -26.60
CA THR B 53 -8.77 13.12 -26.05
C THR B 53 -9.13 11.93 -25.16
N LYS B 54 -8.31 10.88 -25.17
CA LYS B 54 -8.50 9.70 -24.34
C LYS B 54 -7.17 9.00 -24.22
N ARG B 55 -6.83 8.56 -23.01
CA ARG B 55 -5.56 7.87 -22.81
C ARG B 55 -5.57 6.52 -23.53
N VAL B 56 -4.50 6.24 -24.27
CA VAL B 56 -4.34 5.02 -25.02
C VAL B 56 -3.29 4.15 -24.33
N PHE B 57 -3.55 2.85 -24.26
CA PHE B 57 -2.67 1.90 -23.60
C PHE B 57 -1.37 1.79 -24.40
N TRP B 58 -0.46 2.74 -24.18
CA TRP B 58 0.78 2.76 -24.94
C TRP B 58 1.66 1.56 -24.62
N LYS B 59 1.71 1.17 -23.35
CA LYS B 59 2.44 -0.03 -22.95
C LYS B 59 1.95 -1.25 -23.72
N GLY B 60 0.63 -1.35 -23.89
CA GLY B 60 0.08 -2.44 -24.68
C GLY B 60 0.47 -2.36 -26.14
N VAL B 61 0.49 -1.15 -26.71
CA VAL B 61 0.89 -0.98 -28.10
C VAL B 61 2.32 -1.49 -28.30
N LEU B 62 3.24 -1.00 -27.45
CA LEU B 62 4.64 -1.38 -27.61
C LEU B 62 4.85 -2.87 -27.41
N GLU B 63 4.27 -3.44 -26.35
CA GLU B 63 4.47 -4.85 -26.10
C GLU B 63 3.82 -5.72 -27.16
N GLU B 64 2.68 -5.29 -27.71
CA GLU B 64 2.03 -6.08 -28.74
C GLU B 64 2.80 -6.02 -30.06
N LEU B 65 3.39 -4.87 -30.37
CA LEU B 65 4.19 -4.81 -31.60
C LEU B 65 5.45 -5.66 -31.46
N LEU B 66 6.12 -5.60 -30.30
CA LEU B 66 7.26 -6.47 -30.07
C LEU B 66 6.87 -7.94 -30.10
N TRP B 67 5.65 -8.24 -29.65
CA TRP B 67 5.12 -9.60 -29.69
C TRP B 67 4.82 -10.04 -31.11
N PHE B 68 4.36 -9.11 -31.96
CA PHE B 68 4.16 -9.42 -33.38
C PHE B 68 5.47 -9.68 -34.08
N ILE B 69 6.48 -8.85 -33.83
CA ILE B 69 7.76 -8.96 -34.54
C ILE B 69 8.46 -10.28 -34.21
N LYS B 70 8.27 -10.78 -32.99
CA LYS B 70 8.84 -12.06 -32.60
C LYS B 70 8.18 -13.25 -33.28
N GLY B 71 7.08 -13.04 -34.02
CA GLY B 71 6.40 -14.16 -34.63
C GLY B 71 5.59 -15.00 -33.66
N SER B 72 5.26 -14.45 -32.49
CA SER B 72 4.59 -15.18 -31.44
C SER B 72 3.08 -15.18 -31.63
N THR B 73 2.46 -16.33 -31.35
CA THR B 73 1.01 -16.46 -31.34
C THR B 73 0.49 -16.89 -29.97
N ASN B 74 1.32 -16.82 -28.93
CA ASN B 74 0.95 -17.22 -27.59
C ASN B 74 0.47 -15.99 -26.82
N ALA B 75 -0.82 -16.00 -26.41
CA ALA B 75 -1.36 -14.85 -25.70
C ALA B 75 -0.78 -14.72 -24.30
N LYS B 76 -0.37 -15.83 -23.68
CA LYS B 76 0.21 -15.74 -22.34
C LYS B 76 1.55 -15.04 -22.34
N GLU B 77 2.31 -15.15 -23.44
CA GLU B 77 3.58 -14.45 -23.51
C GLU B 77 3.39 -12.93 -23.51
N LEU B 78 2.26 -12.46 -24.05
CA LEU B 78 1.94 -11.05 -24.00
C LEU B 78 1.28 -10.66 -22.68
N SER B 79 0.52 -11.58 -22.08
CA SER B 79 -0.14 -11.31 -20.82
C SER B 79 0.86 -11.23 -19.66
N SER B 80 1.95 -11.99 -19.75
CA SER B 80 2.98 -11.94 -18.72
C SER B 80 3.64 -10.57 -18.63
N LYS B 81 3.59 -9.77 -19.70
CA LYS B 81 4.14 -8.42 -19.68
C LYS B 81 3.16 -7.40 -19.10
N GLY B 82 1.94 -7.81 -18.80
CA GLY B 82 0.91 -6.91 -18.34
C GLY B 82 -0.09 -6.49 -19.38
N VAL B 83 -0.10 -7.12 -20.55
CA VAL B 83 -1.00 -6.77 -21.64
C VAL B 83 -1.95 -7.95 -21.84
N LYS B 84 -3.21 -7.77 -21.44
CA LYS B 84 -4.20 -8.85 -21.48
C LYS B 84 -5.23 -8.63 -22.59
N ILE B 85 -4.84 -7.95 -23.67
CA ILE B 85 -5.80 -7.61 -24.71
C ILE B 85 -6.22 -8.84 -25.52
N TRP B 86 -5.37 -9.87 -25.57
CA TRP B 86 -5.69 -11.08 -26.32
C TRP B 86 -6.07 -12.24 -25.43
N ASP B 87 -6.23 -12.00 -24.12
CA ASP B 87 -6.61 -13.09 -23.21
C ASP B 87 -8.06 -13.52 -23.41
N ALA B 88 -8.92 -12.59 -23.84
CA ALA B 88 -10.32 -12.94 -24.04
C ALA B 88 -10.49 -13.82 -25.27
N ASN B 89 -9.84 -13.47 -26.38
CA ASN B 89 -9.89 -14.28 -27.57
C ASN B 89 -9.04 -15.55 -27.48
N GLY B 90 -8.21 -15.67 -26.46
CA GLY B 90 -7.44 -16.87 -26.21
C GLY B 90 -7.88 -17.69 -25.03
N SER B 91 -9.04 -17.40 -24.44
CA SER B 91 -9.51 -18.12 -23.27
C SER B 91 -10.02 -19.51 -23.66
N ARG B 92 -10.16 -20.37 -22.65
CA ARG B 92 -10.68 -21.70 -22.88
C ARG B 92 -12.11 -21.65 -23.42
N ASP B 93 -12.95 -20.79 -22.85
CA ASP B 93 -14.35 -20.76 -23.25
C ASP B 93 -14.51 -20.27 -24.69
N PHE B 94 -13.69 -19.30 -25.11
CA PHE B 94 -13.80 -18.77 -26.47
C PHE B 94 -13.26 -19.76 -27.49
N LEU B 95 -12.08 -20.34 -27.21
CA LEU B 95 -11.54 -21.36 -28.09
C LEU B 95 -12.51 -22.53 -28.23
N ASP B 96 -13.18 -22.92 -27.15
CA ASP B 96 -14.20 -23.96 -27.26
C ASP B 96 -15.41 -23.47 -28.04
N SER B 97 -15.77 -22.19 -27.93
CA SER B 97 -16.88 -21.63 -28.69
C SER B 97 -16.59 -21.56 -30.18
N LEU B 98 -15.33 -21.71 -30.59
CA LEU B 98 -15.00 -21.78 -32.00
C LEU B 98 -14.63 -23.19 -32.45
N GLY B 99 -14.85 -24.21 -31.62
CA GLY B 99 -14.57 -25.57 -31.99
C GLY B 99 -13.19 -26.07 -31.63
N PHE B 100 -12.29 -25.18 -31.19
CA PHE B 100 -10.92 -25.56 -30.84
C PHE B 100 -10.91 -26.13 -29.42
N SER B 101 -11.51 -27.31 -29.28
CA SER B 101 -11.63 -27.92 -27.96
C SER B 101 -10.30 -28.50 -27.48
N THR B 102 -9.51 -29.04 -28.39
CA THR B 102 -8.25 -29.68 -28.02
C THR B 102 -7.05 -28.73 -28.12
N ARG B 103 -7.29 -27.43 -28.22
CA ARG B 103 -6.21 -26.46 -28.33
C ARG B 103 -5.86 -25.91 -26.95
N GLU B 104 -4.57 -25.85 -26.64
CA GLU B 104 -4.11 -25.30 -25.37
C GLU B 104 -4.56 -23.85 -25.22
N GLU B 105 -4.79 -23.44 -23.97
CA GLU B 105 -5.26 -22.09 -23.69
C GLU B 105 -4.17 -21.07 -24.00
N GLY B 106 -4.57 -20.00 -24.68
CA GLY B 106 -3.64 -18.96 -25.10
C GLY B 106 -3.12 -19.11 -26.52
N ASP B 107 -3.42 -20.22 -27.18
CA ASP B 107 -2.99 -20.45 -28.56
C ASP B 107 -4.00 -19.78 -29.48
N LEU B 108 -3.62 -18.63 -30.03
CA LEU B 108 -4.51 -17.88 -30.91
C LEU B 108 -4.55 -18.44 -32.31
N GLY B 109 -3.73 -19.44 -32.62
CA GLY B 109 -3.62 -19.96 -33.96
C GLY B 109 -2.66 -19.12 -34.77
N PRO B 110 -2.65 -19.31 -36.08
CA PRO B 110 -1.75 -18.52 -36.92
C PRO B 110 -2.26 -17.11 -37.13
N VAL B 111 -1.76 -16.16 -36.34
CA VAL B 111 -2.28 -14.80 -36.37
C VAL B 111 -1.18 -13.82 -36.78
N TYR B 112 -1.34 -12.55 -36.42
CA TYR B 112 -0.55 -11.47 -37.02
C TYR B 112 0.94 -11.77 -37.09
N GLY B 113 1.53 -12.23 -35.98
CA GLY B 113 2.96 -12.44 -35.96
C GLY B 113 3.39 -13.61 -36.83
N PHE B 114 2.62 -14.69 -36.81
CA PHE B 114 2.95 -15.86 -37.61
C PHE B 114 2.86 -15.55 -39.10
N GLN B 115 1.90 -14.71 -39.51
CA GLN B 115 1.82 -14.33 -40.91
C GLN B 115 2.87 -13.30 -41.27
N TRP B 116 3.25 -12.43 -40.33
CA TRP B 116 4.31 -11.47 -40.61
C TRP B 116 5.64 -12.16 -40.83
N ARG B 117 5.90 -13.23 -40.08
CA ARG B 117 7.23 -13.82 -40.09
C ARG B 117 7.31 -15.19 -40.74
N HIS B 118 6.20 -15.93 -40.84
CA HIS B 118 6.21 -17.29 -41.38
C HIS B 118 4.95 -17.54 -42.22
N PHE B 119 4.72 -16.69 -43.22
CA PHE B 119 3.59 -16.89 -44.11
C PHE B 119 3.78 -18.16 -44.93
N GLY B 120 2.80 -19.06 -44.86
CA GLY B 120 2.84 -20.30 -45.60
C GLY B 120 3.38 -21.49 -44.84
N ALA B 121 3.99 -21.29 -43.68
CA ALA B 121 4.49 -22.41 -42.89
C ALA B 121 3.33 -23.17 -42.25
N GLU B 122 3.55 -24.47 -42.03
CA GLU B 122 2.54 -25.32 -41.43
C GLU B 122 2.47 -25.03 -39.93
N TYR B 123 1.33 -24.52 -39.48
CA TYR B 123 1.16 -24.15 -38.08
C TYR B 123 0.93 -25.41 -37.25
N ARG B 124 1.76 -25.60 -36.22
CA ARG B 124 1.60 -26.71 -35.30
C ARG B 124 0.93 -26.21 -34.02
N ASP B 125 1.69 -25.54 -33.15
CA ASP B 125 1.11 -24.88 -31.98
C ASP B 125 1.95 -23.64 -31.66
N MET B 126 1.61 -22.98 -30.55
CA MET B 126 2.30 -21.76 -30.15
C MET B 126 3.70 -22.02 -29.60
N GLU B 127 3.98 -23.24 -29.15
CA GLU B 127 5.29 -23.58 -28.60
C GLU B 127 6.31 -23.98 -29.65
N SER B 128 5.87 -24.21 -30.89
CA SER B 128 6.78 -24.65 -31.93
C SER B 128 7.75 -23.54 -32.32
N ASP B 129 8.93 -23.95 -32.79
CA ASP B 129 9.94 -23.02 -33.31
C ASP B 129 9.82 -22.98 -34.83
N TYR B 130 9.43 -21.82 -35.36
CA TYR B 130 9.21 -21.66 -36.79
C TYR B 130 10.35 -20.93 -37.49
N SER B 131 11.57 -21.00 -36.93
CA SER B 131 12.71 -20.36 -37.59
C SER B 131 12.91 -20.97 -38.97
N GLY B 132 13.16 -20.10 -39.95
CA GLY B 132 13.40 -20.53 -41.31
C GLY B 132 12.18 -20.98 -42.08
N GLN B 133 11.04 -21.16 -41.41
CA GLN B 133 9.82 -21.59 -42.08
C GLN B 133 9.01 -20.38 -42.54
N GLY B 134 8.19 -20.61 -43.56
CA GLY B 134 7.33 -19.57 -44.07
C GLY B 134 8.08 -18.45 -44.77
N VAL B 135 7.32 -17.43 -45.14
CA VAL B 135 7.85 -16.23 -45.78
C VAL B 135 7.98 -15.14 -44.74
N ASP B 136 9.18 -14.55 -44.65
CA ASP B 136 9.46 -13.47 -43.71
C ASP B 136 9.14 -12.15 -44.41
N GLN B 137 7.88 -11.71 -44.28
CA GLN B 137 7.42 -10.53 -44.99
C GLN B 137 8.09 -9.26 -44.46
N LEU B 138 8.24 -9.16 -43.14
CA LEU B 138 8.77 -7.95 -42.53
C LEU B 138 10.20 -7.68 -42.98
N GLN B 139 11.06 -8.70 -42.89
CA GLN B 139 12.44 -8.53 -43.33
C GLN B 139 12.52 -8.28 -44.83
N ARG B 140 11.63 -8.89 -45.61
CA ARG B 140 11.64 -8.67 -47.05
C ARG B 140 11.27 -7.23 -47.38
N VAL B 141 10.30 -6.65 -46.68
CA VAL B 141 9.94 -5.26 -46.96
C VAL B 141 11.04 -4.33 -46.49
N ILE B 142 11.74 -4.66 -45.40
CA ILE B 142 12.85 -3.82 -44.95
C ILE B 142 13.98 -3.84 -45.97
N ASP B 143 14.33 -5.04 -46.47
CA ASP B 143 15.37 -5.14 -47.51
C ASP B 143 14.95 -4.43 -48.79
N THR B 144 13.66 -4.51 -49.14
CA THR B 144 13.19 -3.83 -50.34
C THR B 144 13.28 -2.31 -50.19
N ILE B 145 12.95 -1.79 -49.01
CA ILE B 145 13.10 -0.36 -48.76
C ILE B 145 14.56 0.04 -48.85
N LYS B 146 15.46 -0.83 -48.38
CA LYS B 146 16.87 -0.50 -48.42
C LYS B 146 17.44 -0.50 -49.84
N THR B 147 17.04 -1.48 -50.67
CA THR B 147 17.69 -1.65 -51.96
C THR B 147 16.89 -1.10 -53.13
N ASN B 148 15.57 -1.00 -53.01
CA ASN B 148 14.71 -0.53 -54.09
C ASN B 148 13.55 0.25 -53.50
N PRO B 149 13.81 1.48 -53.05
CA PRO B 149 12.77 2.25 -52.36
C PRO B 149 11.61 2.65 -53.25
N ASP B 150 11.81 2.77 -54.56
CA ASP B 150 10.74 3.11 -55.48
C ASP B 150 9.82 1.94 -55.78
N ASP B 151 10.07 0.78 -55.19
CA ASP B 151 9.25 -0.40 -55.42
C ASP B 151 7.82 -0.18 -54.98
N ARG B 152 6.87 -0.62 -55.80
CA ARG B 152 5.45 -0.47 -55.54
C ARG B 152 4.83 -1.75 -54.99
N ARG B 153 5.65 -2.67 -54.50
CA ARG B 153 5.18 -3.96 -53.97
C ARG B 153 5.63 -4.18 -52.54
N ILE B 154 6.00 -3.11 -51.83
CA ILE B 154 6.40 -3.20 -50.43
C ILE B 154 5.16 -3.43 -49.57
N ILE B 155 4.73 -4.69 -49.47
CA ILE B 155 3.48 -5.04 -48.82
C ILE B 155 3.71 -6.14 -47.80
N MET B 156 3.12 -6.00 -46.62
CA MET B 156 3.03 -7.07 -45.63
C MET B 156 1.56 -7.42 -45.43
N CYS B 157 1.21 -8.67 -45.71
CA CYS B 157 -0.18 -9.13 -45.66
C CYS B 157 -0.33 -10.24 -44.63
N ALA B 158 -1.36 -10.13 -43.78
CA ALA B 158 -1.62 -11.11 -42.75
C ALA B 158 -2.86 -11.97 -43.03
N TRP B 159 -3.54 -11.74 -44.16
CA TRP B 159 -4.74 -12.49 -44.52
C TRP B 159 -4.31 -13.75 -45.26
N ASN B 160 -4.47 -14.91 -44.60
CA ASN B 160 -4.13 -16.21 -45.18
C ASN B 160 -5.38 -17.08 -45.21
N PRO B 161 -6.05 -17.20 -46.36
CA PRO B 161 -7.26 -18.04 -46.42
C PRO B 161 -7.02 -19.49 -46.03
N ARG B 162 -5.81 -20.01 -46.25
CA ARG B 162 -5.54 -21.41 -45.88
C ARG B 162 -5.50 -21.58 -44.37
N ASP B 163 -4.91 -20.62 -43.66
CA ASP B 163 -4.84 -20.63 -42.20
C ASP B 163 -6.03 -19.95 -41.54
N LEU B 164 -7.01 -19.49 -42.31
CA LEU B 164 -8.10 -18.70 -41.75
C LEU B 164 -8.95 -19.48 -40.75
N PRO B 165 -9.43 -20.70 -41.04
CA PRO B 165 -10.26 -21.41 -40.06
C PRO B 165 -9.50 -21.87 -38.82
N LEU B 166 -8.17 -21.71 -38.77
CA LEU B 166 -7.38 -22.06 -37.60
C LEU B 166 -7.15 -20.88 -36.67
N MET B 167 -7.63 -19.69 -37.01
CA MET B 167 -7.36 -18.50 -36.22
C MET B 167 -8.49 -18.26 -35.21
N ALA B 168 -8.10 -17.90 -33.99
CA ALA B 168 -9.09 -17.52 -32.98
C ALA B 168 -9.81 -16.24 -33.40
N LEU B 169 -9.08 -15.29 -33.97
CA LEU B 169 -9.67 -14.07 -34.50
C LEU B 169 -8.94 -13.70 -35.78
N PRO B 170 -9.60 -13.73 -36.93
CA PRO B 170 -8.93 -13.37 -38.18
C PRO B 170 -8.41 -11.95 -38.11
N PRO B 171 -7.37 -11.62 -38.89
CA PRO B 171 -6.72 -10.32 -38.74
C PRO B 171 -7.67 -9.17 -39.06
N CYS B 172 -7.64 -8.15 -38.22
CA CYS B 172 -8.43 -6.95 -38.45
C CYS B 172 -7.66 -5.93 -39.28
N HIS B 173 -6.39 -5.72 -38.96
CA HIS B 173 -5.47 -4.99 -39.84
C HIS B 173 -4.78 -6.03 -40.71
N ALA B 174 -5.36 -6.29 -41.88
CA ALA B 174 -4.99 -7.44 -42.70
C ALA B 174 -3.84 -7.19 -43.66
N LEU B 175 -3.65 -5.94 -44.11
CA LEU B 175 -2.64 -5.66 -45.13
C LEU B 175 -2.10 -4.26 -44.90
N CYS B 176 -0.80 -4.08 -45.09
CA CYS B 176 -0.21 -2.74 -45.04
C CYS B 176 0.85 -2.63 -46.12
N GLN B 177 1.01 -1.41 -46.62
CA GLN B 177 1.92 -1.08 -47.71
C GLN B 177 2.79 0.10 -47.30
N PHE B 178 4.05 0.09 -47.74
CA PHE B 178 5.00 1.14 -47.44
C PHE B 178 5.35 1.91 -48.71
N TYR B 179 5.81 3.14 -48.52
CA TYR B 179 6.02 4.06 -49.63
C TYR B 179 7.17 4.99 -49.24
N VAL B 180 8.10 5.22 -50.16
CA VAL B 180 9.28 6.03 -49.88
C VAL B 180 9.37 7.15 -50.91
N VAL B 181 9.48 8.39 -50.44
CA VAL B 181 9.71 9.52 -51.33
C VAL B 181 10.34 10.65 -50.52
N ASN B 182 11.35 11.29 -51.12
CA ASN B 182 12.07 12.40 -50.50
C ASN B 182 12.62 11.99 -49.13
N SER B 183 13.19 10.78 -49.07
CA SER B 183 13.75 10.22 -47.84
C SER B 183 12.71 10.16 -46.72
N GLU B 184 11.44 10.02 -47.09
CA GLU B 184 10.33 9.90 -46.15
C GLU B 184 9.62 8.58 -46.36
N LEU B 185 9.44 7.84 -45.27
CA LEU B 185 8.75 6.55 -45.28
C LEU B 185 7.32 6.75 -44.76
N SER B 186 6.34 6.44 -45.61
CA SER B 186 4.94 6.45 -45.26
C SER B 186 4.38 5.04 -45.30
N CYS B 187 3.25 4.86 -44.61
CA CYS B 187 2.63 3.56 -44.45
C CYS B 187 1.12 3.69 -44.55
N GLN B 188 0.50 2.84 -45.36
CA GLN B 188 -0.94 2.74 -45.43
C GLN B 188 -1.38 1.38 -44.89
N LEU B 189 -2.47 1.37 -44.14
CA LEU B 189 -3.02 0.17 -43.55
C LEU B 189 -4.45 -0.01 -44.01
N TYR B 190 -4.80 -1.22 -44.44
CA TYR B 190 -6.20 -1.57 -44.70
C TYR B 190 -6.71 -2.37 -43.52
N GLN B 191 -7.65 -1.81 -42.77
CA GLN B 191 -8.27 -2.49 -41.64
C GLN B 191 -9.67 -2.91 -42.07
N ARG B 192 -9.89 -4.22 -42.16
CA ARG B 192 -11.17 -4.75 -42.63
C ARG B 192 -12.28 -4.48 -41.64
N SER B 193 -11.96 -4.42 -40.35
CA SER B 193 -12.94 -4.24 -39.29
C SER B 193 -12.35 -3.27 -38.29
N GLY B 194 -13.03 -2.15 -38.08
CA GLY B 194 -12.52 -1.13 -37.18
C GLY B 194 -13.45 -0.85 -36.01
N ASP B 195 -13.05 -1.34 -34.83
CA ASP B 195 -13.68 -0.97 -33.57
C ASP B 195 -13.28 0.46 -33.26
N MET B 196 -14.15 1.40 -33.59
CA MET B 196 -13.79 2.81 -33.52
C MET B 196 -13.52 3.27 -32.10
N GLY B 197 -14.21 2.67 -31.13
CA GLY B 197 -14.03 3.10 -29.75
C GLY B 197 -12.82 2.50 -29.07
N LEU B 198 -12.60 1.20 -29.27
CA LEU B 198 -11.57 0.46 -28.55
C LEU B 198 -10.32 0.22 -29.39
N GLY B 199 -10.45 -0.47 -30.52
CA GLY B 199 -9.28 -0.97 -31.23
C GLY B 199 -8.61 0.03 -32.15
N VAL B 200 -9.37 0.92 -32.78
CA VAL B 200 -8.79 1.79 -33.80
C VAL B 200 -7.76 2.76 -33.25
N PRO B 201 -7.99 3.46 -32.13
CA PRO B 201 -6.90 4.29 -31.57
C PRO B 201 -5.67 3.48 -31.21
N PHE B 202 -5.85 2.21 -30.85
CA PHE B 202 -4.73 1.32 -30.55
C PHE B 202 -3.95 0.99 -31.82
N ASN B 203 -4.66 0.66 -32.90
CA ASN B 203 -3.99 0.26 -34.14
C ASN B 203 -3.30 1.44 -34.81
N ILE B 204 -3.85 2.64 -34.68
CA ILE B 204 -3.18 3.82 -35.22
C ILE B 204 -1.77 3.93 -34.63
N ALA B 205 -1.69 3.89 -33.30
CA ALA B 205 -0.39 3.98 -32.64
C ALA B 205 0.48 2.78 -32.97
N SER B 206 -0.12 1.60 -33.10
CA SER B 206 0.65 0.40 -33.42
C SER B 206 1.37 0.55 -34.75
N TYR B 207 0.64 0.96 -35.79
CA TYR B 207 1.27 1.04 -37.10
C TYR B 207 2.14 2.28 -37.26
N ALA B 208 1.84 3.36 -36.51
CA ALA B 208 2.78 4.48 -36.47
C ALA B 208 4.10 4.06 -35.83
N LEU B 209 4.04 3.23 -34.79
CA LEU B 209 5.26 2.74 -34.16
C LEU B 209 6.02 1.81 -35.10
N LEU B 210 5.30 0.97 -35.85
CA LEU B 210 5.97 0.13 -36.83
C LEU B 210 6.68 0.96 -37.90
N THR B 211 6.02 2.02 -38.37
CA THR B 211 6.65 2.90 -39.34
C THR B 211 7.88 3.59 -38.75
N TYR B 212 7.79 4.00 -37.48
CA TYR B 212 8.96 4.60 -36.82
C TYR B 212 10.12 3.61 -36.74
N MET B 213 9.84 2.36 -36.39
CA MET B 213 10.90 1.35 -36.31
C MET B 213 11.57 1.14 -37.66
N ILE B 214 10.76 0.98 -38.71
CA ILE B 214 11.33 0.70 -40.03
C ILE B 214 12.07 1.91 -40.58
N ALA B 215 11.56 3.12 -40.31
CA ALA B 215 12.27 4.32 -40.74
C ALA B 215 13.60 4.47 -40.00
N HIS B 216 13.64 4.06 -38.73
CA HIS B 216 14.89 4.10 -37.98
C HIS B 216 15.89 3.10 -38.54
N ILE B 217 15.42 1.92 -38.93
CA ILE B 217 16.35 0.90 -39.44
C ILE B 217 16.87 1.26 -40.83
N THR B 218 16.00 1.75 -41.71
CA THR B 218 16.38 2.04 -43.08
C THR B 218 16.95 3.44 -43.27
N GLY B 219 17.11 4.20 -42.18
CA GLY B 219 17.68 5.53 -42.27
C GLY B 219 16.79 6.56 -42.91
N LEU B 220 15.47 6.37 -42.81
CA LEU B 220 14.50 7.28 -43.38
C LEU B 220 13.79 8.06 -42.29
N LYS B 221 13.06 9.10 -42.70
CA LYS B 221 12.26 9.87 -41.75
C LYS B 221 10.78 9.50 -41.88
N PRO B 222 10.07 9.34 -40.76
CA PRO B 222 8.64 8.99 -40.85
C PRO B 222 7.84 10.08 -41.53
N GLY B 223 6.96 9.66 -42.44
CA GLY B 223 6.14 10.61 -43.19
C GLY B 223 4.71 10.65 -42.74
N ASP B 224 3.84 9.91 -43.42
CA ASP B 224 2.43 9.84 -43.08
C ASP B 224 2.03 8.39 -42.83
N PHE B 225 0.97 8.23 -42.06
CA PHE B 225 0.29 6.95 -41.88
C PHE B 225 -1.13 7.11 -42.40
N ILE B 226 -1.46 6.35 -43.44
CA ILE B 226 -2.76 6.40 -44.07
C ILE B 226 -3.58 5.23 -43.55
N HIS B 227 -4.63 5.52 -42.79
CA HIS B 227 -5.48 4.49 -42.21
C HIS B 227 -6.71 4.34 -43.09
N THR B 228 -6.81 3.22 -43.79
CA THR B 228 -7.98 2.88 -44.60
C THR B 228 -8.84 1.90 -43.82
N LEU B 229 -10.15 2.15 -43.80
CA LEU B 229 -11.09 1.35 -43.05
C LEU B 229 -12.13 0.75 -43.98
N GLY B 230 -12.40 -0.54 -43.80
CA GLY B 230 -13.50 -1.20 -44.47
C GLY B 230 -14.77 -0.99 -43.67
N ASP B 231 -15.09 -1.92 -42.77
CA ASP B 231 -16.25 -1.79 -41.90
C ASP B 231 -15.83 -1.05 -40.65
N ALA B 232 -16.01 0.27 -40.65
CA ALA B 232 -15.72 1.09 -39.48
C ALA B 232 -17.00 1.21 -38.68
N HIS B 233 -17.01 0.63 -37.47
CA HIS B 233 -18.23 0.52 -36.70
C HIS B 233 -17.98 1.00 -35.28
N ILE B 234 -19.04 1.57 -34.69
CA ILE B 234 -19.06 1.96 -33.29
C ILE B 234 -20.06 1.05 -32.59
N TYR B 235 -19.59 0.28 -31.62
CA TYR B 235 -20.51 -0.55 -30.85
C TYR B 235 -21.49 0.33 -30.09
N LEU B 236 -22.67 -0.23 -29.82
CA LEU B 236 -23.75 0.53 -29.20
C LEU B 236 -23.34 1.02 -27.82
N ASN B 237 -22.77 0.13 -27.00
CA ASN B 237 -22.31 0.49 -25.68
C ASN B 237 -21.11 1.43 -25.69
N HIS B 238 -20.63 1.83 -26.87
CA HIS B 238 -19.58 2.83 -26.99
C HIS B 238 -20.11 4.16 -27.50
N ILE B 239 -21.41 4.27 -27.79
CA ILE B 239 -21.95 5.48 -28.37
C ILE B 239 -21.84 6.64 -27.39
N GLU B 240 -22.46 6.50 -26.21
CA GLU B 240 -22.41 7.57 -25.22
C GLU B 240 -21.00 7.87 -24.72
N PRO B 241 -20.14 6.89 -24.45
CA PRO B 241 -18.74 7.23 -24.11
C PRO B 241 -18.05 8.08 -25.17
N LEU B 242 -18.15 7.71 -26.45
CA LEU B 242 -17.48 8.46 -27.50
C LEU B 242 -17.98 9.89 -27.56
N LYS B 243 -19.29 10.09 -27.40
CA LYS B 243 -19.83 11.45 -27.35
C LYS B 243 -19.10 12.28 -26.30
N ILE B 244 -18.83 11.69 -25.13
CA ILE B 244 -18.04 12.40 -24.12
C ILE B 244 -16.68 12.78 -24.68
N GLN B 245 -15.97 11.79 -25.23
CA GLN B 245 -14.67 12.07 -25.83
C GLN B 245 -14.79 13.09 -26.96
N LEU B 246 -15.96 13.16 -27.60
CA LEU B 246 -16.12 14.09 -28.71
C LEU B 246 -16.23 15.54 -28.26
N GLN B 247 -16.42 15.80 -26.96
CA GLN B 247 -16.49 17.17 -26.47
C GLN B 247 -15.30 17.56 -25.61
N ARG B 248 -14.17 16.89 -25.79
CA ARG B 248 -12.92 17.24 -25.11
C ARG B 248 -12.00 17.97 -26.07
N GLU B 249 -11.30 18.98 -25.57
CA GLU B 249 -10.38 19.74 -26.41
C GLU B 249 -9.12 18.93 -26.65
N PRO B 250 -8.79 18.60 -27.89
CA PRO B 250 -7.59 17.80 -28.16
C PRO B 250 -6.32 18.58 -27.84
N ARG B 251 -5.35 17.89 -27.28
CA ARG B 251 -4.06 18.42 -26.92
C ARG B 251 -3.01 18.04 -27.97
N PRO B 252 -1.89 18.74 -28.02
CA PRO B 252 -0.87 18.40 -29.02
C PRO B 252 -0.39 16.96 -28.89
N PHE B 253 -0.07 16.36 -30.04
CA PHE B 253 0.42 14.99 -30.06
C PHE B 253 1.79 14.91 -29.37
N PRO B 254 2.11 13.78 -28.75
CA PRO B 254 3.43 13.64 -28.12
C PRO B 254 4.54 13.41 -29.13
N LYS B 255 5.71 13.02 -28.66
CA LYS B 255 6.83 12.67 -29.52
C LYS B 255 7.37 11.30 -29.14
N LEU B 256 7.88 10.59 -30.14
CA LEU B 256 8.51 9.29 -29.94
C LEU B 256 9.99 9.42 -30.18
N ARG B 257 10.79 8.96 -29.23
CA ARG B 257 12.24 9.03 -29.33
C ARG B 257 12.81 7.63 -29.16
N ILE B 258 13.64 7.21 -30.10
CA ILE B 258 14.35 5.93 -29.99
C ILE B 258 15.71 6.22 -29.36
N LEU B 259 16.00 5.54 -28.25
CA LEU B 259 17.13 5.92 -27.41
C LEU B 259 18.47 5.39 -27.90
N ARG B 260 18.49 4.34 -28.73
CA ARG B 260 19.74 3.79 -29.22
C ARG B 260 19.58 3.33 -30.66
N LYS B 261 20.71 3.27 -31.36
CA LYS B 261 20.75 2.85 -32.76
C LYS B 261 20.61 1.33 -32.83
N VAL B 262 19.61 0.87 -33.60
CA VAL B 262 19.32 -0.55 -33.75
C VAL B 262 19.47 -0.93 -35.22
N GLU B 263 20.05 -2.10 -35.48
CA GLU B 263 20.32 -2.57 -36.84
C GLU B 263 19.24 -3.50 -37.40
N LYS B 264 18.75 -4.44 -36.60
CA LYS B 264 17.72 -5.38 -37.03
C LYS B 264 16.43 -5.11 -36.28
N ILE B 265 15.30 -5.45 -36.92
CA ILE B 265 13.99 -5.18 -36.33
C ILE B 265 13.75 -6.06 -35.11
N ASP B 266 14.36 -7.24 -35.07
CA ASP B 266 14.19 -8.15 -33.94
C ASP B 266 14.95 -7.69 -32.71
N ASP B 267 15.91 -6.77 -32.86
CA ASP B 267 16.74 -6.31 -31.76
C ASP B 267 16.10 -5.18 -30.97
N PHE B 268 14.91 -4.73 -31.34
CA PHE B 268 14.24 -3.69 -30.58
C PHE B 268 13.76 -4.23 -29.24
N LYS B 269 13.91 -3.43 -28.20
CA LYS B 269 13.42 -3.77 -26.88
C LYS B 269 12.57 -2.63 -26.35
N ALA B 270 11.76 -2.92 -25.34
CA ALA B 270 10.81 -1.92 -24.84
C ALA B 270 11.52 -0.70 -24.26
N GLU B 271 12.74 -0.88 -23.74
CA GLU B 271 13.48 0.24 -23.16
C GLU B 271 14.03 1.18 -24.22
N ASP B 272 13.98 0.81 -25.50
CA ASP B 272 14.54 1.63 -26.56
C ASP B 272 13.64 2.80 -26.94
N PHE B 273 12.39 2.84 -26.45
CA PHE B 273 11.42 3.84 -26.86
C PHE B 273 11.03 4.72 -25.69
N GLN B 274 10.84 6.01 -25.97
CA GLN B 274 10.45 6.97 -24.95
C GLN B 274 9.40 7.90 -25.53
N ILE B 275 8.27 8.01 -24.85
CA ILE B 275 7.21 8.94 -25.23
C ILE B 275 7.40 10.22 -24.43
N GLU B 276 7.44 11.36 -25.13
CA GLU B 276 7.68 12.65 -24.51
C GLU B 276 6.48 13.56 -24.73
N GLY B 277 6.01 14.19 -23.65
CA GLY B 277 4.96 15.18 -23.76
C GLY B 277 3.57 14.63 -23.97
N TYR B 278 3.29 13.43 -23.44
CA TYR B 278 1.96 12.84 -23.55
C TYR B 278 1.12 13.29 -22.37
N ASN B 279 0.18 14.22 -22.64
CA ASN B 279 -0.73 14.74 -21.63
C ASN B 279 -2.15 14.51 -22.12
N PRO B 280 -2.66 13.29 -22.02
CA PRO B 280 -4.02 13.01 -22.48
C PRO B 280 -5.06 13.25 -21.39
N HIS B 281 -6.32 13.34 -21.84
CA HIS B 281 -7.44 13.33 -20.92
C HIS B 281 -7.57 11.95 -20.26
N PRO B 282 -8.26 11.86 -19.14
CA PRO B 282 -8.41 10.57 -18.45
C PRO B 282 -9.04 9.50 -19.34
N THR B 283 -8.85 8.25 -18.94
CA THR B 283 -9.35 7.12 -19.73
C THR B 283 -10.88 7.11 -19.72
N ILE B 284 -11.44 6.42 -20.71
CA ILE B 284 -12.88 6.23 -20.85
C ILE B 284 -13.12 4.75 -21.09
N LYS B 285 -13.79 4.08 -20.15
CA LYS B 285 -14.01 2.64 -20.27
C LYS B 285 -14.88 2.33 -21.48
N MET B 286 -14.37 1.46 -22.35
CA MET B 286 -15.12 0.98 -23.52
C MET B 286 -14.89 -0.53 -23.59
N GLU B 287 -15.89 -1.29 -23.15
CA GLU B 287 -15.73 -2.73 -22.97
C GLU B 287 -15.62 -3.45 -24.30
N MET B 288 -14.84 -4.53 -24.30
CA MET B 288 -14.62 -5.33 -25.50
C MET B 288 -15.85 -6.18 -25.80
N ALA B 289 -16.02 -6.51 -27.08
CA ALA B 289 -17.09 -7.40 -27.51
C ALA B 289 -16.53 -8.69 -28.09
N SER C 6 -25.24 14.58 23.28
CA SER C 6 -24.99 13.23 23.76
C SER C 6 -25.36 12.18 22.72
N GLU C 7 -24.65 11.04 22.73
CA GLU C 7 -24.88 9.98 21.76
C GLU C 7 -26.16 9.21 22.04
N LEU C 8 -26.66 9.27 23.27
CA LEU C 8 -27.90 8.60 23.62
C LEU C 8 -29.06 9.12 22.81
N GLN C 9 -28.97 10.35 22.29
CA GLN C 9 -30.03 10.87 21.44
C GLN C 9 -30.07 10.15 20.09
N TYR C 10 -28.90 9.95 19.47
CA TYR C 10 -28.85 9.20 18.23
C TYR C 10 -29.27 7.75 18.44
N LEU C 11 -28.80 7.12 19.52
CA LEU C 11 -29.22 5.74 19.78
C LEU C 11 -30.72 5.66 20.06
N GLY C 12 -31.29 6.68 20.71
CA GLY C 12 -32.72 6.69 20.94
C GLY C 12 -33.51 6.86 19.67
N GLN C 13 -33.00 7.67 18.74
CA GLN C 13 -33.66 7.79 17.44
C GLN C 13 -33.63 6.45 16.70
N ILE C 14 -32.50 5.74 16.76
CA ILE C 14 -32.43 4.42 16.13
C ILE C 14 -33.43 3.46 16.76
N GLN C 15 -33.46 3.40 18.09
CA GLN C 15 -34.39 2.51 18.76
C GLN C 15 -35.83 2.88 18.42
N HIS C 16 -36.12 4.19 18.32
CA HIS C 16 -37.48 4.61 18.02
C HIS C 16 -37.88 4.25 16.59
N ILE C 17 -36.94 4.30 15.66
CA ILE C 17 -37.24 3.88 14.29
C ILE C 17 -37.44 2.37 14.24
N LEU C 18 -36.65 1.63 15.01
CA LEU C 18 -36.78 0.17 15.02
C LEU C 18 -38.09 -0.28 15.67
N ARG C 19 -38.62 0.51 16.60
CA ARG C 19 -39.83 0.11 17.31
C ARG C 19 -41.11 0.72 16.74
N CYS C 20 -41.03 1.87 16.09
CA CYS C 20 -42.21 2.58 15.62
C CYS C 20 -42.18 2.96 14.14
N GLY C 21 -41.07 2.72 13.44
CA GLY C 21 -41.00 3.09 12.04
C GLY C 21 -41.99 2.31 11.19
N VAL C 22 -42.28 2.85 10.01
CA VAL C 22 -43.21 2.22 9.08
C VAL C 22 -42.45 1.74 7.86
N ARG C 23 -42.85 0.58 7.33
CA ARG C 23 -42.19 0.02 6.15
C ARG C 23 -42.49 0.88 4.92
N LYS C 24 -41.45 1.30 4.22
CA LYS C 24 -41.59 2.25 3.14
C LYS C 24 -40.60 1.91 2.04
N ASP C 25 -41.09 1.82 0.81
CA ASP C 25 -40.19 1.65 -0.33
C ASP C 25 -39.44 2.95 -0.58
N ASP C 26 -38.34 2.86 -1.34
CA ASP C 26 -37.54 4.05 -1.62
C ASP C 26 -37.00 4.00 -3.04
N ARG C 27 -36.24 5.03 -3.38
CA ARG C 27 -35.68 5.17 -4.72
C ARG C 27 -34.81 3.98 -5.09
N THR C 28 -34.03 3.46 -4.15
CA THR C 28 -33.22 2.29 -4.39
C THR C 28 -34.07 1.02 -4.28
N GLY C 29 -33.45 -0.12 -4.60
CA GLY C 29 -34.18 -1.38 -4.53
C GLY C 29 -34.47 -1.84 -3.12
N THR C 30 -33.78 -1.27 -2.13
CA THR C 30 -33.92 -1.68 -0.74
C THR C 30 -35.28 -1.21 -0.22
N GLY C 31 -35.54 -1.47 1.07
CA GLY C 31 -36.66 -0.89 1.76
C GLY C 31 -36.16 -0.14 2.99
N THR C 32 -37.06 0.59 3.64
CA THR C 32 -36.68 1.35 4.83
C THR C 32 -37.75 1.22 5.90
N LEU C 33 -37.30 1.33 7.14
CA LEU C 33 -38.16 1.66 8.27
C LEU C 33 -38.03 3.17 8.44
N SER C 34 -39.13 3.89 8.22
CA SER C 34 -39.08 5.33 8.10
C SER C 34 -39.88 5.99 9.21
N VAL C 35 -39.42 7.17 9.62
CA VAL C 35 -40.10 8.06 10.55
C VAL C 35 -39.92 9.49 10.06
N PHE C 36 -41.00 10.26 10.08
CA PHE C 36 -40.96 11.63 9.56
C PHE C 36 -40.98 12.63 10.72
N GLY C 37 -39.91 13.41 10.84
CA GLY C 37 -39.85 14.47 11.82
C GLY C 37 -39.19 14.10 13.13
N MET C 38 -37.89 14.38 13.26
CA MET C 38 -37.19 14.14 14.51
C MET C 38 -36.25 15.31 14.78
N GLN C 39 -35.83 15.45 16.04
CA GLN C 39 -34.88 16.50 16.38
C GLN C 39 -34.06 16.07 17.59
N ALA C 40 -32.74 16.16 17.44
CA ALA C 40 -31.80 15.86 18.50
C ALA C 40 -30.91 17.08 18.75
N ARG C 41 -30.30 17.11 19.93
CA ARG C 41 -29.42 18.20 20.32
C ARG C 41 -28.10 17.61 20.81
N TYR C 42 -26.99 18.10 20.27
CA TYR C 42 -25.66 17.60 20.60
C TYR C 42 -24.81 18.77 21.09
N SER C 43 -24.24 18.62 22.28
CA SER C 43 -23.42 19.69 22.83
C SER C 43 -22.05 19.69 22.16
N LEU C 44 -21.59 20.90 21.80
CA LEU C 44 -20.27 21.10 21.23
C LEU C 44 -19.30 21.76 22.20
N ARG C 45 -19.66 21.85 23.48
CA ARG C 45 -18.87 22.59 24.46
C ARG C 45 -17.80 21.65 25.03
N ASP C 46 -16.54 21.89 24.65
CA ASP C 46 -15.40 21.12 25.10
C ASP C 46 -15.54 19.63 24.77
N GLU C 47 -16.30 19.31 23.71
CA GLU C 47 -16.41 17.95 23.23
C GLU C 47 -16.89 17.99 21.78
N PHE C 48 -16.64 16.89 21.09
CA PHE C 48 -17.00 16.76 19.69
C PHE C 48 -17.89 15.53 19.49
N PRO C 49 -19.05 15.67 18.84
CA PRO C 49 -19.98 14.53 18.72
C PRO C 49 -19.58 13.55 17.63
N LEU C 50 -18.41 12.92 17.82
CA LEU C 50 -17.97 11.82 16.98
C LEU C 50 -18.36 10.52 17.69
N LEU C 51 -19.24 9.74 17.05
CA LEU C 51 -19.84 8.60 17.73
C LEU C 51 -18.80 7.60 18.19
N THR C 52 -19.01 7.05 19.39
CA THR C 52 -18.10 6.07 19.95
C THR C 52 -18.62 4.64 19.89
N THR C 53 -19.94 4.44 19.76
CA THR C 53 -20.47 3.09 19.59
C THR C 53 -20.11 2.49 18.24
N LYS C 54 -19.53 3.28 17.35
CA LYS C 54 -19.09 2.82 16.05
C LYS C 54 -18.07 3.82 15.53
N ARG C 55 -16.97 3.32 15.00
CA ARG C 55 -15.94 4.22 14.47
C ARG C 55 -16.49 4.95 13.25
N VAL C 56 -16.29 6.27 13.22
CA VAL C 56 -16.78 7.13 12.15
C VAL C 56 -15.59 7.59 11.32
N PHE C 57 -15.78 7.61 10.00
CA PHE C 57 -14.73 7.98 9.04
C PHE C 57 -14.42 9.46 9.20
N TRP C 58 -13.60 9.78 10.21
CA TRP C 58 -13.30 11.17 10.49
C TRP C 58 -12.47 11.79 9.37
N LYS C 59 -11.53 11.04 8.82
CA LYS C 59 -10.77 11.53 7.67
C LYS C 59 -11.71 11.92 6.54
N GLY C 60 -12.75 11.12 6.32
CA GLY C 60 -13.75 11.46 5.31
C GLY C 60 -14.50 12.73 5.67
N VAL C 61 -14.84 12.90 6.95
CA VAL C 61 -15.54 14.11 7.40
C VAL C 61 -14.70 15.35 7.09
N LEU C 62 -13.44 15.33 7.51
CA LEU C 62 -12.58 16.49 7.32
C LEU C 62 -12.34 16.76 5.85
N GLU C 63 -12.03 15.72 5.07
CA GLU C 63 -11.73 15.94 3.66
C GLU C 63 -12.97 16.37 2.90
N GLU C 64 -14.15 15.85 3.25
CA GLU C 64 -15.36 16.24 2.56
C GLU C 64 -15.77 17.66 2.90
N LEU C 65 -15.56 18.09 4.15
CA LEU C 65 -15.86 19.48 4.47
C LEU C 65 -14.90 20.43 3.78
N LEU C 66 -13.60 20.10 3.75
CA LEU C 66 -12.65 20.94 3.01
C LEU C 66 -12.97 20.94 1.51
N TRP C 67 -13.52 19.84 1.00
CA TRP C 67 -13.95 19.76 -0.39
C TRP C 67 -15.19 20.62 -0.64
N PHE C 68 -16.08 20.69 0.34
CA PHE C 68 -17.24 21.58 0.23
C PHE C 68 -16.81 23.04 0.23
N ILE C 69 -15.89 23.40 1.12
CA ILE C 69 -15.49 24.80 1.26
C ILE C 69 -14.81 25.29 -0.01
N LYS C 70 -14.09 24.43 -0.71
CA LYS C 70 -13.47 24.80 -1.99
C LYS C 70 -14.49 24.97 -3.10
N GLY C 71 -15.75 24.62 -2.88
CA GLY C 71 -16.75 24.73 -3.91
C GLY C 71 -16.63 23.71 -5.01
N SER C 72 -15.92 22.62 -4.75
CA SER C 72 -15.68 21.62 -5.79
C SER C 72 -16.84 20.64 -5.85
N THR C 73 -17.20 20.25 -7.06
CA THR C 73 -18.23 19.25 -7.28
C THR C 73 -17.67 18.02 -7.99
N ASN C 74 -16.34 17.89 -8.05
CA ASN C 74 -15.69 16.75 -8.70
C ASN C 74 -15.39 15.71 -7.64
N ALA C 75 -16.01 14.53 -7.77
CA ALA C 75 -15.80 13.48 -6.78
C ALA C 75 -14.39 12.90 -6.86
N LYS C 76 -13.73 12.97 -8.02
CA LYS C 76 -12.38 12.44 -8.12
C LYS C 76 -11.40 13.25 -7.28
N GLU C 77 -11.64 14.55 -7.12
CA GLU C 77 -10.76 15.36 -6.27
C GLU C 77 -10.87 14.95 -4.81
N LEU C 78 -12.04 14.47 -4.38
CA LEU C 78 -12.18 13.95 -3.03
C LEU C 78 -11.66 12.53 -2.92
N SER C 79 -11.76 11.74 -3.99
CA SER C 79 -11.27 10.37 -3.97
C SER C 79 -9.75 10.33 -3.97
N SER C 80 -9.10 11.32 -4.57
CA SER C 80 -7.64 11.38 -4.53
C SER C 80 -7.12 11.59 -3.12
N LYS C 81 -7.95 12.11 -2.22
CA LYS C 81 -7.58 12.28 -0.82
C LYS C 81 -7.77 11.00 -0.02
N GLY C 82 -8.34 9.96 -0.61
CA GLY C 82 -8.63 8.72 0.08
C GLY C 82 -10.06 8.55 0.53
N VAL C 83 -10.95 9.44 0.12
CA VAL C 83 -12.35 9.44 0.55
C VAL C 83 -13.21 9.14 -0.67
N LYS C 84 -13.78 7.94 -0.72
CA LYS C 84 -14.55 7.46 -1.86
C LYS C 84 -16.06 7.45 -1.61
N ILE C 85 -16.55 8.35 -0.74
CA ILE C 85 -17.96 8.31 -0.38
C ILE C 85 -18.85 8.80 -1.53
N TRP C 86 -18.32 9.63 -2.42
CA TRP C 86 -19.10 10.15 -3.54
C TRP C 86 -18.73 9.49 -4.86
N ASP C 87 -17.89 8.46 -4.85
CA ASP C 87 -17.53 7.79 -6.09
C ASP C 87 -18.69 6.99 -6.67
N ALA C 88 -19.58 6.47 -5.82
CA ALA C 88 -20.70 5.69 -6.34
C ALA C 88 -21.74 6.59 -7.00
N ASN C 89 -22.09 7.71 -6.35
CA ASN C 89 -23.05 8.62 -6.95
C ASN C 89 -22.46 9.43 -8.10
N GLY C 90 -21.14 9.37 -8.29
CA GLY C 90 -20.49 9.95 -9.45
C GLY C 90 -19.97 8.93 -10.43
N SER C 91 -20.34 7.66 -10.29
CA SER C 91 -19.85 6.61 -11.18
C SER C 91 -20.56 6.69 -12.53
N ARG C 92 -19.97 6.01 -13.52
CA ARG C 92 -20.57 6.00 -14.85
C ARG C 92 -21.94 5.33 -14.83
N ASP C 93 -22.08 4.22 -14.10
CA ASP C 93 -23.33 3.48 -14.13
C ASP C 93 -24.47 4.28 -13.50
N PHE C 94 -24.20 5.01 -12.43
CA PHE C 94 -25.26 5.77 -11.75
C PHE C 94 -25.66 7.00 -12.56
N LEU C 95 -24.69 7.76 -13.05
CA LEU C 95 -24.97 8.88 -13.94
C LEU C 95 -25.76 8.43 -15.17
N ASP C 96 -25.42 7.25 -15.70
CA ASP C 96 -26.21 6.72 -16.81
C ASP C 96 -27.62 6.33 -16.36
N SER C 97 -27.75 5.84 -15.13
CA SER C 97 -29.07 5.50 -14.60
C SER C 97 -29.94 6.72 -14.38
N LEU C 98 -29.34 7.92 -14.37
CA LEU C 98 -30.11 9.15 -14.27
C LEU C 98 -30.20 9.92 -15.59
N GLY C 99 -29.75 9.32 -16.68
CA GLY C 99 -29.84 9.95 -17.98
C GLY C 99 -28.63 10.76 -18.41
N PHE C 100 -27.70 11.02 -17.49
CA PHE C 100 -26.52 11.82 -17.80
C PHE C 100 -25.47 10.93 -18.47
N SER C 101 -25.78 10.55 -19.71
CA SER C 101 -24.92 9.64 -20.44
C SER C 101 -23.66 10.34 -20.95
N THR C 102 -23.79 11.61 -21.36
CA THR C 102 -22.67 12.37 -21.89
C THR C 102 -21.97 13.21 -20.83
N ARG C 103 -22.22 12.93 -19.56
CA ARG C 103 -21.61 13.68 -18.47
C ARG C 103 -20.32 13.00 -18.02
N GLU C 104 -19.27 13.79 -17.84
CA GLU C 104 -17.98 13.25 -17.42
C GLU C 104 -18.14 12.51 -16.11
N GLU C 105 -17.35 11.44 -15.94
CA GLU C 105 -17.44 10.63 -14.74
C GLU C 105 -16.88 11.38 -13.54
N GLY C 106 -17.60 11.35 -12.43
CA GLY C 106 -17.22 12.08 -11.25
C GLY C 106 -17.83 13.46 -11.11
N ASP C 107 -18.55 13.93 -12.12
CA ASP C 107 -19.22 15.24 -12.07
C ASP C 107 -20.58 15.05 -11.41
N LEU C 108 -20.68 15.47 -10.15
CA LEU C 108 -21.91 15.33 -9.39
C LEU C 108 -22.94 16.41 -9.72
N GLY C 109 -22.59 17.37 -10.57
CA GLY C 109 -23.46 18.48 -10.89
C GLY C 109 -23.35 19.56 -9.85
N PRO C 110 -24.27 20.52 -9.87
CA PRO C 110 -24.23 21.58 -8.87
C PRO C 110 -24.71 21.08 -7.51
N VAL C 111 -23.78 20.71 -6.65
CA VAL C 111 -24.12 20.11 -5.36
C VAL C 111 -23.56 21.00 -4.25
N TYR C 112 -23.37 20.40 -3.07
CA TYR C 112 -23.16 21.17 -1.86
C TYR C 112 -22.14 22.30 -2.02
N GLY C 113 -20.98 22.02 -2.61
CA GLY C 113 -19.96 23.05 -2.68
C GLY C 113 -20.33 24.18 -3.63
N PHE C 114 -20.90 23.83 -4.78
CA PHE C 114 -21.29 24.84 -5.76
C PHE C 114 -22.38 25.75 -5.20
N GLN C 115 -23.33 25.19 -4.44
CA GLN C 115 -24.38 26.01 -3.86
C GLN C 115 -23.85 26.81 -2.68
N TRP C 116 -22.89 26.27 -1.93
CA TRP C 116 -22.32 27.00 -0.80
C TRP C 116 -21.58 28.24 -1.27
N ARG C 117 -20.89 28.15 -2.43
CA ARG C 117 -20.02 29.25 -2.84
C ARG C 117 -20.53 30.02 -4.05
N HIS C 118 -21.40 29.44 -4.88
CA HIS C 118 -21.86 30.08 -6.11
C HIS C 118 -23.36 29.79 -6.33
N PHE C 119 -24.19 30.15 -5.34
CA PHE C 119 -25.62 29.94 -5.50
C PHE C 119 -26.15 30.86 -6.59
N GLY C 120 -26.85 30.28 -7.57
CA GLY C 120 -27.45 31.04 -8.63
C GLY C 120 -26.61 31.20 -9.87
N ALA C 121 -25.33 30.88 -9.81
CA ALA C 121 -24.48 30.94 -10.99
C ALA C 121 -24.82 29.82 -11.95
N GLU C 122 -24.60 30.07 -13.24
CA GLU C 122 -24.91 29.08 -14.26
C GLU C 122 -23.84 27.99 -14.22
N TYR C 123 -24.26 26.78 -13.86
CA TYR C 123 -23.36 25.65 -13.75
C TYR C 123 -23.01 25.11 -15.13
N ARG C 124 -21.72 25.02 -15.43
CA ARG C 124 -21.26 24.47 -16.69
C ARG C 124 -20.79 23.03 -16.50
N ASP C 125 -19.60 22.85 -15.94
CA ASP C 125 -19.11 21.53 -15.58
C ASP C 125 -18.23 21.64 -14.34
N MET C 126 -17.64 20.52 -13.94
CA MET C 126 -16.82 20.49 -12.73
C MET C 126 -15.45 21.13 -12.92
N GLU C 127 -14.98 21.25 -14.16
CA GLU C 127 -13.67 21.84 -14.44
C GLU C 127 -13.72 23.36 -14.54
N SER C 128 -14.90 23.94 -14.62
CA SER C 128 -15.02 25.39 -14.78
C SER C 128 -14.62 26.10 -13.49
N ASP C 129 -14.11 27.32 -13.65
CA ASP C 129 -13.80 28.20 -12.52
C ASP C 129 -14.94 29.20 -12.37
N TYR C 130 -15.63 29.13 -11.23
CA TYR C 130 -16.81 29.95 -10.97
C TYR C 130 -16.50 31.13 -10.04
N SER C 131 -15.27 31.61 -10.04
CA SER C 131 -14.90 32.73 -9.19
C SER C 131 -15.75 33.96 -9.50
N GLY C 132 -16.22 34.62 -8.43
CA GLY C 132 -17.05 35.80 -8.57
C GLY C 132 -18.47 35.55 -9.00
N GLN C 133 -18.80 34.33 -9.44
CA GLN C 133 -20.15 34.02 -9.88
C GLN C 133 -20.98 33.49 -8.71
N GLY C 134 -22.28 33.66 -8.83
CA GLY C 134 -23.20 33.18 -7.81
C GLY C 134 -23.10 33.97 -6.52
N VAL C 135 -23.86 33.50 -5.54
CA VAL C 135 -23.88 34.09 -4.20
C VAL C 135 -23.03 33.23 -3.27
N ASP C 136 -22.10 33.86 -2.58
CA ASP C 136 -21.20 33.18 -1.65
C ASP C 136 -21.89 33.15 -0.28
N GLN C 137 -22.64 32.07 -0.03
CA GLN C 137 -23.40 31.98 1.21
C GLN C 137 -22.49 31.84 2.42
N LEU C 138 -21.42 31.04 2.31
CA LEU C 138 -20.56 30.76 3.44
C LEU C 138 -19.89 32.04 3.96
N GLN C 139 -19.30 32.82 3.05
CA GLN C 139 -18.68 34.07 3.48
C GLN C 139 -19.73 35.03 4.02
N ARG C 140 -20.95 34.98 3.47
CA ARG C 140 -22.00 35.85 3.99
C ARG C 140 -22.38 35.47 5.42
N VAL C 141 -22.46 34.18 5.74
CA VAL C 141 -22.80 33.82 7.10
C VAL C 141 -21.64 34.15 8.05
N ILE C 142 -20.40 34.03 7.58
CA ILE C 142 -19.28 34.40 8.44
C ILE C 142 -19.30 35.90 8.73
N ASP C 143 -19.49 36.70 7.69
CA ASP C 143 -19.57 38.15 7.88
C ASP C 143 -20.77 38.55 8.73
N THR C 144 -21.90 37.87 8.55
CA THR C 144 -23.09 38.17 9.33
C THR C 144 -22.87 37.87 10.81
N ILE C 145 -22.21 36.75 11.11
CA ILE C 145 -21.89 36.43 12.50
C ILE C 145 -20.93 37.46 13.08
N LYS C 146 -19.99 37.94 12.27
CA LYS C 146 -19.02 38.91 12.77
C LYS C 146 -19.66 40.27 13.04
N THR C 147 -20.59 40.70 12.19
CA THR C 147 -21.12 42.06 12.27
C THR C 147 -22.51 42.14 12.89
N ASN C 148 -23.31 41.08 12.84
CA ASN C 148 -24.68 41.10 13.34
C ASN C 148 -25.01 39.75 13.94
N PRO C 149 -24.50 39.44 15.13
CA PRO C 149 -24.69 38.08 15.67
C PRO C 149 -26.12 37.74 16.08
N ASP C 150 -26.94 38.69 16.47
CA ASP C 150 -28.34 38.36 16.75
C ASP C 150 -29.20 38.27 15.49
N ASP C 151 -28.58 38.41 14.30
CA ASP C 151 -29.36 38.29 13.08
C ASP C 151 -30.01 36.92 13.01
N ARG C 152 -31.29 36.90 12.63
CA ARG C 152 -32.06 35.67 12.58
C ARG C 152 -32.16 35.11 11.17
N ARG C 153 -31.29 35.56 10.27
CA ARG C 153 -31.30 35.15 8.87
C ARG C 153 -29.97 34.54 8.45
N ILE C 154 -29.14 34.13 9.41
CA ILE C 154 -27.85 33.52 9.13
C ILE C 154 -28.09 32.11 8.61
N ILE C 155 -28.38 31.99 7.32
CA ILE C 155 -28.79 30.72 6.73
C ILE C 155 -27.91 30.42 5.53
N MET C 156 -27.46 29.17 5.44
CA MET C 156 -26.81 28.65 4.25
C MET C 156 -27.69 27.53 3.71
N CYS C 157 -28.18 27.69 2.49
CA CYS C 157 -29.13 26.77 1.88
C CYS C 157 -28.54 26.13 0.64
N ALA C 158 -28.68 24.81 0.51
CA ALA C 158 -28.18 24.08 -0.64
C ALA C 158 -29.29 23.60 -1.56
N TRP C 159 -30.55 23.86 -1.23
CA TRP C 159 -31.66 23.44 -2.06
C TRP C 159 -31.91 24.50 -3.13
N ASN C 160 -31.59 24.16 -4.38
CA ASN C 160 -31.80 25.06 -5.51
C ASN C 160 -32.72 24.36 -6.50
N PRO C 161 -34.01 24.71 -6.53
CA PRO C 161 -34.91 24.05 -7.49
C PRO C 161 -34.49 24.21 -8.94
N ARG C 162 -33.83 25.32 -9.28
CA ARG C 162 -33.41 25.53 -10.66
C ARG C 162 -32.29 24.58 -11.05
N ASP C 163 -31.34 24.33 -10.14
CA ASP C 163 -30.24 23.40 -10.36
C ASP C 163 -30.57 21.97 -9.97
N LEU C 164 -31.80 21.70 -9.54
CA LEU C 164 -32.13 20.38 -9.00
C LEU C 164 -32.01 19.24 -10.00
N PRO C 165 -32.59 19.33 -11.21
CA PRO C 165 -32.49 18.17 -12.13
C PRO C 165 -31.09 17.91 -12.66
N LEU C 166 -30.12 18.77 -12.37
CA LEU C 166 -28.75 18.57 -12.81
C LEU C 166 -27.88 17.90 -11.75
N MET C 167 -28.43 17.58 -10.58
CA MET C 167 -27.62 17.02 -9.50
C MET C 167 -27.65 15.50 -9.53
N ALA C 168 -26.49 14.89 -9.32
CA ALA C 168 -26.43 13.43 -9.22
C ALA C 168 -27.21 12.94 -8.00
N LEU C 169 -27.06 13.64 -6.89
CA LEU C 169 -27.85 13.32 -5.70
C LEU C 169 -28.19 14.64 -5.03
N PRO C 170 -29.47 15.01 -5.00
CA PRO C 170 -29.87 16.29 -4.39
C PRO C 170 -29.45 16.38 -2.94
N PRO C 171 -29.30 17.59 -2.40
CA PRO C 171 -28.73 17.73 -1.05
C PRO C 171 -29.60 17.05 0.01
N CYS C 172 -28.95 16.30 0.89
CA CYS C 172 -29.64 15.67 2.00
C CYS C 172 -29.67 16.59 3.21
N HIS C 173 -28.54 17.21 3.53
CA HIS C 173 -28.49 18.31 4.47
C HIS C 173 -28.64 19.59 3.65
N ALA C 174 -29.90 20.02 3.49
CA ALA C 174 -30.27 21.03 2.51
C ALA C 174 -30.17 22.45 3.03
N LEU C 175 -30.32 22.65 4.34
CA LEU C 175 -30.35 24.00 4.89
C LEU C 175 -29.77 23.96 6.30
N CYS C 176 -29.01 25.00 6.65
CA CYS C 176 -28.53 25.13 8.02
C CYS C 176 -28.57 26.59 8.43
N GLN C 177 -28.81 26.81 9.72
CA GLN C 177 -28.93 28.14 10.27
C GLN C 177 -28.01 28.28 11.48
N PHE C 178 -27.45 29.47 11.64
CA PHE C 178 -26.56 29.74 12.76
C PHE C 178 -27.22 30.72 13.73
N TYR C 179 -26.75 30.67 14.98
CA TYR C 179 -27.38 31.38 16.07
C TYR C 179 -26.29 31.76 17.05
N VAL C 180 -26.32 33.00 17.54
CA VAL C 180 -25.29 33.49 18.44
C VAL C 180 -25.94 34.04 19.70
N VAL C 181 -25.48 33.59 20.86
CA VAL C 181 -25.92 34.19 22.12
C VAL C 181 -24.85 33.93 23.17
N ASN C 182 -24.53 34.98 23.94
CA ASN C 182 -23.54 34.90 25.01
C ASN C 182 -22.21 34.37 24.51
N SER C 183 -21.79 34.85 23.34
CA SER C 183 -20.56 34.41 22.68
C SER C 183 -20.54 32.91 22.40
N GLU C 184 -21.71 32.32 22.19
CA GLU C 184 -21.83 30.91 21.83
C GLU C 184 -22.51 30.80 20.48
N LEU C 185 -21.86 30.08 19.57
CA LEU C 185 -22.36 29.85 18.21
C LEU C 185 -22.97 28.46 18.14
N SER C 186 -24.26 28.41 17.83
CA SER C 186 -24.98 27.17 17.63
C SER C 186 -25.39 27.07 16.17
N CYS C 187 -25.66 25.84 15.74
CA CYS C 187 -25.98 25.55 14.36
C CYS C 187 -27.08 24.51 14.33
N GLN C 188 -28.12 24.77 13.55
CA GLN C 188 -29.17 23.81 13.31
C GLN C 188 -29.11 23.37 11.85
N LEU C 189 -29.33 22.08 11.63
CA LEU C 189 -29.31 21.48 10.30
C LEU C 189 -30.66 20.84 10.04
N TYR C 190 -31.24 21.13 8.87
CA TYR C 190 -32.41 20.41 8.39
C TYR C 190 -31.93 19.40 7.36
N GLN C 191 -32.05 18.11 7.67
CA GLN C 191 -31.70 17.05 6.76
C GLN C 191 -33.00 16.44 6.24
N ARG C 192 -33.25 16.62 4.94
CA ARG C 192 -34.49 16.12 4.36
C ARG C 192 -34.55 14.60 4.35
N SER C 193 -33.40 13.95 4.20
CA SER C 193 -33.33 12.50 4.11
C SER C 193 -32.14 12.02 4.93
N GLY C 194 -32.41 11.17 5.92
CA GLY C 194 -31.38 10.71 6.82
C GLY C 194 -31.19 9.22 6.82
N ASP C 195 -30.10 8.76 6.21
CA ASP C 195 -29.62 7.39 6.34
C ASP C 195 -29.06 7.23 7.74
N MET C 196 -29.88 6.68 8.64
CA MET C 196 -29.53 6.67 10.05
C MET C 196 -28.30 5.82 10.34
N GLY C 197 -28.08 4.75 9.58
CA GLY C 197 -26.95 3.88 9.81
C GLY C 197 -25.66 4.39 9.19
N LEU C 198 -25.75 4.92 7.97
CA LEU C 198 -24.57 5.28 7.19
C LEU C 198 -24.27 6.78 7.23
N GLY C 199 -25.21 7.60 6.75
CA GLY C 199 -24.91 9.00 6.52
C GLY C 199 -25.05 9.91 7.72
N VAL C 200 -25.99 9.61 8.62
CA VAL C 200 -26.34 10.53 9.70
C VAL C 200 -25.19 10.74 10.68
N PRO C 201 -24.48 9.71 11.16
CA PRO C 201 -23.32 9.99 12.04
C PRO C 201 -22.26 10.83 11.35
N PHE C 202 -22.11 10.62 10.06
CA PHE C 202 -21.15 11.38 9.27
C PHE C 202 -21.56 12.85 9.19
N ASN C 203 -22.84 13.10 8.98
CA ASN C 203 -23.31 14.48 8.87
C ASN C 203 -23.28 15.19 10.21
N ILE C 204 -23.55 14.46 11.29
CA ILE C 204 -23.42 15.03 12.62
C ILE C 204 -22.00 15.55 12.81
N ALA C 205 -21.01 14.71 12.54
CA ALA C 205 -19.62 15.13 12.70
C ALA C 205 -19.26 16.26 11.73
N SER C 206 -19.78 16.19 10.50
CA SER C 206 -19.46 17.21 9.50
C SER C 206 -19.94 18.60 9.94
N TYR C 207 -21.18 18.70 10.40
CA TYR C 207 -21.69 20.02 10.76
C TYR C 207 -21.18 20.48 12.12
N ALA C 208 -20.84 19.56 13.01
CA ALA C 208 -20.15 19.97 14.24
C ALA C 208 -18.78 20.56 13.90
N LEU C 209 -18.08 19.95 12.93
CA LEU C 209 -16.79 20.48 12.51
C LEU C 209 -16.93 21.84 11.84
N LEU C 210 -17.97 22.01 11.03
CA LEU C 210 -18.22 23.31 10.42
C LEU C 210 -18.50 24.38 11.48
N THR C 211 -19.29 24.03 12.51
CA THR C 211 -19.53 24.97 13.59
C THR C 211 -18.23 25.32 14.32
N TYR C 212 -17.37 24.32 14.52
CA TYR C 212 -16.07 24.60 15.15
C TYR C 212 -15.23 25.55 14.30
N MET C 213 -15.19 25.34 12.97
CA MET C 213 -14.41 26.22 12.11
C MET C 213 -14.93 27.64 12.17
N ILE C 214 -16.25 27.81 12.08
CA ILE C 214 -16.82 29.16 12.06
C ILE C 214 -16.67 29.84 13.41
N ALA C 215 -16.78 29.07 14.51
CA ALA C 215 -16.55 29.63 15.84
C ALA C 215 -15.09 30.04 16.01
N HIS C 216 -14.16 29.29 15.41
CA HIS C 216 -12.77 29.66 15.46
C HIS C 216 -12.52 30.95 14.69
N ILE C 217 -13.17 31.11 13.54
CA ILE C 217 -12.95 32.30 12.72
C ILE C 217 -13.57 33.53 13.38
N THR C 218 -14.78 33.40 13.91
CA THR C 218 -15.52 34.53 14.46
C THR C 218 -15.22 34.80 15.92
N GLY C 219 -14.31 34.05 16.55
CA GLY C 219 -13.96 34.31 17.93
C GLY C 219 -15.02 33.94 18.94
N LEU C 220 -15.87 32.97 18.61
CA LEU C 220 -16.95 32.53 19.48
C LEU C 220 -16.65 31.15 20.02
N LYS C 221 -17.44 30.74 21.01
CA LYS C 221 -17.28 29.38 21.51
C LYS C 221 -18.37 28.49 20.93
N PRO C 222 -18.04 27.26 20.53
CA PRO C 222 -19.08 26.37 20.02
C PRO C 222 -20.12 26.05 21.09
N GLY C 223 -21.39 26.10 20.70
CA GLY C 223 -22.48 25.85 21.62
C GLY C 223 -23.16 24.52 21.41
N ASP C 224 -24.27 24.51 20.68
CA ASP C 224 -25.02 23.30 20.39
C ASP C 224 -25.15 23.10 18.89
N PHE C 225 -25.34 21.84 18.51
CA PHE C 225 -25.71 21.46 17.15
C PHE C 225 -27.06 20.77 17.24
N ILE C 226 -28.07 21.35 16.60
CA ILE C 226 -29.43 20.82 16.61
C ILE C 226 -29.64 20.11 15.28
N HIS C 227 -29.79 18.80 15.32
CA HIS C 227 -29.97 17.98 14.13
C HIS C 227 -31.46 17.73 13.95
N THR C 228 -32.05 18.35 12.93
CA THR C 228 -33.46 18.14 12.57
C THR C 228 -33.53 17.23 11.36
N LEU C 229 -34.40 16.22 11.43
CA LEU C 229 -34.55 15.21 10.40
C LEU C 229 -35.97 15.21 9.86
N GLY C 230 -36.08 15.16 8.54
CA GLY C 230 -37.36 14.93 7.88
C GLY C 230 -37.67 13.45 7.79
N ASP C 231 -37.27 12.82 6.68
CA ASP C 231 -37.44 11.38 6.48
C ASP C 231 -36.20 10.69 7.05
N ALA C 232 -36.28 10.28 8.31
CA ALA C 232 -35.22 9.51 8.95
C ALA C 232 -35.53 8.03 8.75
N HIS C 233 -34.66 7.33 8.02
CA HIS C 233 -34.94 5.96 7.63
C HIS C 233 -33.77 5.05 7.94
N ILE C 234 -34.09 3.81 8.26
CA ILE C 234 -33.11 2.73 8.44
C ILE C 234 -33.35 1.73 7.33
N TYR C 235 -32.35 1.55 6.46
CA TYR C 235 -32.48 0.54 5.43
C TYR C 235 -32.53 -0.85 6.05
N LEU C 236 -33.18 -1.78 5.33
CA LEU C 236 -33.37 -3.12 5.87
C LEU C 236 -32.03 -3.80 6.13
N ASN C 237 -31.10 -3.70 5.17
CA ASN C 237 -29.79 -4.32 5.35
C ASN C 237 -28.97 -3.66 6.46
N HIS C 238 -29.51 -2.66 7.15
CA HIS C 238 -28.85 -2.06 8.30
C HIS C 238 -29.51 -2.45 9.62
N ILE C 239 -30.59 -3.23 9.59
CA ILE C 239 -31.31 -3.52 10.82
C ILE C 239 -30.44 -4.34 11.78
N GLU C 240 -29.98 -5.51 11.32
CA GLU C 240 -29.16 -6.34 12.19
C GLU C 240 -27.84 -5.68 12.59
N PRO C 241 -27.11 -4.99 11.69
CA PRO C 241 -25.93 -4.24 12.17
C PRO C 241 -26.25 -3.23 13.26
N LEU C 242 -27.30 -2.42 13.08
CA LEU C 242 -27.59 -1.38 14.06
C LEU C 242 -27.93 -1.98 15.42
N LYS C 243 -28.70 -3.08 15.43
CA LYS C 243 -28.95 -3.77 16.69
C LYS C 243 -27.65 -4.10 17.41
N ILE C 244 -26.63 -4.54 16.65
CA ILE C 244 -25.32 -4.77 17.24
C ILE C 244 -24.80 -3.50 17.90
N GLN C 245 -24.77 -2.41 17.12
CA GLN C 245 -24.34 -1.13 17.68
C GLN C 245 -25.22 -0.70 18.84
N LEU C 246 -26.48 -1.15 18.86
CA LEU C 246 -27.40 -0.77 19.93
C LEU C 246 -27.08 -1.47 21.23
N GLN C 247 -26.21 -2.48 21.22
CA GLN C 247 -25.84 -3.20 22.44
C GLN C 247 -24.42 -2.90 22.90
N ARG C 248 -23.86 -1.76 22.49
CA ARG C 248 -22.54 -1.33 22.92
C ARG C 248 -22.65 -0.16 23.89
N GLU C 249 -21.79 -0.16 24.91
CA GLU C 249 -21.78 0.94 25.87
C GLU C 249 -21.08 2.15 25.25
N PRO C 250 -21.76 3.29 25.13
CA PRO C 250 -21.10 4.47 24.55
C PRO C 250 -19.98 4.98 25.46
N ARG C 251 -18.91 5.41 24.83
CA ARG C 251 -17.75 5.97 25.49
C ARG C 251 -17.78 7.48 25.41
N PRO C 252 -17.04 8.20 26.26
CA PRO C 252 -17.07 9.66 26.21
C PRO C 252 -16.65 10.19 24.85
N PHE C 253 -17.26 11.30 24.46
CA PHE C 253 -16.96 11.93 23.19
C PHE C 253 -15.51 12.45 23.18
N PRO C 254 -14.87 12.50 22.02
CA PRO C 254 -13.52 13.06 21.96
C PRO C 254 -13.50 14.58 22.04
N LYS C 255 -12.35 15.17 21.75
CA LYS C 255 -12.19 16.61 21.69
C LYS C 255 -11.57 17.00 20.36
N LEU C 256 -11.92 18.18 19.88
CA LEU C 256 -11.36 18.72 18.64
C LEU C 256 -10.48 19.91 18.96
N ARG C 257 -9.25 19.90 18.45
CA ARG C 257 -8.30 20.98 18.69
C ARG C 257 -7.81 21.52 17.36
N ILE C 258 -7.95 22.84 17.18
CA ILE C 258 -7.45 23.52 15.99
C ILE C 258 -6.06 24.06 16.30
N LEU C 259 -5.08 23.67 15.47
CA LEU C 259 -3.67 23.85 15.81
C LEU C 259 -3.13 25.24 15.49
N ARG C 260 -3.79 26.02 14.63
CA ARG C 260 -3.30 27.34 14.31
C ARG C 260 -4.45 28.32 14.14
N LYS C 261 -4.16 29.60 14.37
CA LYS C 261 -5.15 30.66 14.21
C LYS C 261 -5.35 30.92 12.72
N VAL C 262 -6.59 30.82 12.26
CA VAL C 262 -6.94 30.98 10.85
C VAL C 262 -7.91 32.15 10.72
N GLU C 263 -7.70 32.96 9.68
CA GLU C 263 -8.53 34.13 9.43
C GLU C 263 -9.67 33.87 8.46
N LYS C 264 -9.40 33.19 7.35
CA LYS C 264 -10.42 32.90 6.34
C LYS C 264 -10.73 31.42 6.31
N ILE C 265 -11.97 31.10 5.93
CA ILE C 265 -12.42 29.71 5.89
C ILE C 265 -11.71 28.93 4.79
N ASP C 266 -11.27 29.62 3.74
CA ASP C 266 -10.58 28.95 2.65
C ASP C 266 -9.16 28.56 3.01
N ASP C 267 -8.59 29.14 4.06
CA ASP C 267 -7.21 28.87 4.45
C ASP C 267 -7.06 27.64 5.34
N PHE C 268 -8.15 26.98 5.70
CA PHE C 268 -8.06 25.79 6.53
C PHE C 268 -7.46 24.63 5.74
N LYS C 269 -6.59 23.87 6.40
CA LYS C 269 -5.99 22.67 5.83
C LYS C 269 -6.24 21.50 6.79
N ALA C 270 -6.08 20.29 6.28
CA ALA C 270 -6.39 19.11 7.07
C ALA C 270 -5.49 18.99 8.29
N GLU C 271 -4.25 19.48 8.20
CA GLU C 271 -3.31 19.36 9.31
C GLU C 271 -3.65 20.29 10.48
N ASP C 272 -4.57 21.24 10.28
CA ASP C 272 -4.91 22.18 11.35
C ASP C 272 -5.81 21.57 12.41
N PHE C 273 -6.35 20.38 12.17
CA PHE C 273 -7.32 19.77 13.06
C PHE C 273 -6.75 18.52 13.69
N GLN C 274 -7.05 18.30 14.97
CA GLN C 274 -6.58 17.15 15.69
C GLN C 274 -7.68 16.61 16.59
N ILE C 275 -7.95 15.32 16.47
CA ILE C 275 -8.93 14.64 17.34
C ILE C 275 -8.16 14.03 18.51
N GLU C 276 -8.61 14.34 19.73
CA GLU C 276 -7.96 13.89 20.94
C GLU C 276 -8.91 13.01 21.74
N GLY C 277 -8.43 11.85 22.17
CA GLY C 277 -9.23 11.00 23.04
C GLY C 277 -10.34 10.26 22.35
N TYR C 278 -10.18 9.92 21.07
CA TYR C 278 -11.21 9.18 20.35
C TYR C 278 -10.95 7.69 20.53
N ASN C 279 -11.79 7.04 21.34
CA ASN C 279 -11.68 5.61 21.62
C ASN C 279 -13.02 4.96 21.26
N PRO C 280 -13.29 4.76 19.97
CA PRO C 280 -14.56 4.15 19.57
C PRO C 280 -14.48 2.62 19.50
N HIS C 281 -15.67 2.02 19.50
CA HIS C 281 -15.79 0.61 19.21
C HIS C 281 -15.45 0.38 17.74
N PRO C 282 -15.11 -0.87 17.37
CA PRO C 282 -14.76 -1.15 15.97
C PRO C 282 -15.88 -0.77 15.01
N THR C 283 -15.50 -0.62 13.75
CA THR C 283 -16.45 -0.21 12.72
C THR C 283 -17.50 -1.30 12.50
N ILE C 284 -18.62 -0.88 11.90
CA ILE C 284 -19.69 -1.80 11.52
C ILE C 284 -20.02 -1.50 10.07
N LYS C 285 -19.73 -2.46 9.18
CA LYS C 285 -19.92 -2.26 7.76
C LYS C 285 -21.41 -2.13 7.44
N MET C 286 -21.77 -1.04 6.76
CA MET C 286 -23.14 -0.82 6.32
C MET C 286 -23.10 -0.33 4.88
N GLU C 287 -23.45 -1.21 3.94
CA GLU C 287 -23.26 -0.89 2.54
C GLU C 287 -24.23 0.18 2.08
N MET C 288 -23.78 0.99 1.13
CA MET C 288 -24.56 2.10 0.59
C MET C 288 -25.64 1.61 -0.36
N ALA C 289 -26.70 2.41 -0.48
CA ALA C 289 -27.78 2.11 -1.41
C ALA C 289 -27.82 3.15 -2.54
N SER D 6 30.50 -13.27 24.01
CA SER D 6 31.58 -12.64 24.78
C SER D 6 31.27 -11.17 25.11
N GLU D 7 31.80 -10.71 26.25
CA GLU D 7 31.53 -9.35 26.70
C GLU D 7 32.29 -8.32 25.88
N LEU D 8 33.37 -8.73 25.21
CA LEU D 8 34.11 -7.80 24.37
C LEU D 8 33.25 -7.23 23.26
N GLN D 9 32.16 -7.92 22.89
CA GLN D 9 31.27 -7.38 21.87
C GLN D 9 30.51 -6.17 22.40
N TYR D 10 29.97 -6.26 23.62
CA TYR D 10 29.31 -5.12 24.23
C TYR D 10 30.29 -3.98 24.49
N LEU D 11 31.50 -4.31 24.96
CA LEU D 11 32.48 -3.26 25.20
C LEU D 11 32.89 -2.59 23.88
N GLY D 12 32.96 -3.36 22.80
CA GLY D 12 33.27 -2.79 21.50
C GLY D 12 32.15 -1.92 20.97
N GLN D 13 30.91 -2.31 21.24
CA GLN D 13 29.78 -1.46 20.87
C GLN D 13 29.81 -0.13 21.63
N ILE D 14 30.16 -0.19 22.92
CA ILE D 14 30.28 1.04 23.70
C ILE D 14 31.37 1.93 23.12
N GLN D 15 32.54 1.35 22.85
CA GLN D 15 33.65 2.12 22.28
C GLN D 15 33.27 2.71 20.92
N HIS D 16 32.54 1.93 20.12
CA HIS D 16 32.16 2.40 18.78
C HIS D 16 31.16 3.55 18.86
N ILE D 17 30.25 3.50 19.84
CA ILE D 17 29.32 4.62 19.99
C ILE D 17 30.06 5.86 20.52
N LEU D 18 31.04 5.65 21.40
CA LEU D 18 31.79 6.77 21.95
C LEU D 18 32.69 7.42 20.89
N ARG D 19 33.14 6.64 19.90
CA ARG D 19 34.05 7.16 18.88
C ARG D 19 33.37 7.58 17.59
N CYS D 20 32.21 7.01 17.26
CA CYS D 20 31.54 7.28 15.99
C CYS D 20 30.08 7.69 16.13
N GLY D 21 29.52 7.67 17.34
CA GLY D 21 28.14 8.06 17.51
C GLY D 21 27.91 9.52 17.21
N VAL D 22 26.65 9.87 16.94
CA VAL D 22 26.29 11.24 16.63
C VAL D 22 25.43 11.81 17.75
N ARG D 23 25.64 13.08 18.09
CA ARG D 23 24.87 13.73 19.13
C ARG D 23 23.44 13.93 18.67
N LYS D 24 22.49 13.46 19.46
CA LYS D 24 21.10 13.41 19.06
C LYS D 24 20.21 13.66 20.26
N ASP D 25 19.23 14.55 20.09
CA ASP D 25 18.23 14.76 21.13
C ASP D 25 17.30 13.56 21.22
N ASP D 26 16.57 13.47 22.34
CA ASP D 26 15.67 12.35 22.55
C ASP D 26 14.42 12.83 23.27
N ARG D 27 13.52 11.87 23.52
CA ARG D 27 12.24 12.16 24.17
C ARG D 27 12.46 12.81 25.53
N THR D 28 13.42 12.32 26.30
CA THR D 28 13.72 12.91 27.59
C THR D 28 14.57 14.17 27.41
N GLY D 29 14.82 14.87 28.51
CA GLY D 29 15.60 16.10 28.42
C GLY D 29 17.06 15.87 28.13
N THR D 30 17.56 14.65 28.33
CA THR D 30 18.98 14.34 28.18
C THR D 30 19.36 14.40 26.70
N GLY D 31 20.62 14.10 26.39
CA GLY D 31 21.06 13.90 25.03
C GLY D 31 21.66 12.51 24.88
N THR D 32 21.94 12.12 23.64
CA THR D 32 22.51 10.81 23.39
C THR D 32 23.60 10.87 22.33
N LEU D 33 24.54 9.93 22.42
CA LEU D 33 25.37 9.52 21.31
C LEU D 33 24.72 8.30 20.68
N SER D 34 24.27 8.44 19.44
CA SER D 34 23.43 7.43 18.82
C SER D 34 24.13 6.81 17.62
N VAL D 35 23.85 5.52 17.41
CA VAL D 35 24.27 4.77 16.23
C VAL D 35 23.11 3.87 15.83
N PHE D 36 22.82 3.80 14.54
CA PHE D 36 21.68 3.04 14.06
C PHE D 36 22.16 1.78 13.37
N GLY D 37 21.77 0.62 13.91
CA GLY D 37 22.07 -0.67 13.30
C GLY D 37 23.32 -1.34 13.85
N MET D 38 23.16 -2.23 14.82
CA MET D 38 24.28 -3.02 15.33
C MET D 38 23.82 -4.44 15.57
N GLN D 39 24.79 -5.36 15.64
CA GLN D 39 24.48 -6.76 15.93
C GLN D 39 25.65 -7.41 16.65
N ALA D 40 25.35 -8.05 17.77
CA ALA D 40 26.32 -8.81 18.56
C ALA D 40 25.83 -10.23 18.74
N ARG D 41 26.75 -11.13 19.05
CA ARG D 41 26.44 -12.54 19.27
C ARG D 41 27.04 -12.99 20.59
N TYR D 42 26.23 -13.63 21.43
CA TYR D 42 26.63 -14.08 22.75
C TYR D 42 26.39 -15.57 22.88
N SER D 43 27.42 -16.33 23.25
CA SER D 43 27.27 -17.77 23.42
C SER D 43 26.55 -18.07 24.74
N LEU D 44 25.61 -19.01 24.67
CA LEU D 44 24.89 -19.48 25.84
C LEU D 44 25.33 -20.88 26.26
N ARG D 45 26.42 -21.38 25.69
CA ARG D 45 26.88 -22.74 25.91
C ARG D 45 27.80 -22.77 27.13
N ASP D 46 27.33 -23.40 28.20
CA ASP D 46 28.11 -23.55 29.44
C ASP D 46 28.50 -22.20 30.02
N GLU D 47 27.73 -21.16 29.73
CA GLU D 47 27.95 -19.84 30.31
C GLU D 47 26.69 -19.01 30.12
N PHE D 48 26.57 -17.95 30.93
CA PHE D 48 25.46 -17.02 30.90
C PHE D 48 25.99 -15.60 30.73
N PRO D 49 25.47 -14.82 29.76
CA PRO D 49 26.03 -13.49 29.48
C PRO D 49 25.58 -12.41 30.47
N LEU D 50 25.97 -12.60 31.73
CA LEU D 50 25.81 -11.58 32.75
C LEU D 50 27.13 -10.82 32.86
N LEU D 51 27.11 -9.53 32.54
CA LEU D 51 28.34 -8.76 32.39
C LEU D 51 29.15 -8.76 33.68
N THR D 52 30.47 -8.85 33.54
CA THR D 52 31.37 -8.86 34.68
C THR D 52 32.09 -7.53 34.89
N THR D 53 32.18 -6.69 33.86
CA THR D 53 32.78 -5.38 34.03
C THR D 53 31.92 -4.44 34.86
N LYS D 54 30.69 -4.85 35.17
CA LYS D 54 29.79 -4.08 36.01
C LYS D 54 28.73 -5.03 36.55
N ARG D 55 28.42 -4.92 37.83
CA ARG D 55 27.41 -5.80 38.41
C ARG D 55 26.04 -5.47 37.83
N VAL D 56 25.32 -6.51 37.39
CA VAL D 56 24.02 -6.38 36.75
C VAL D 56 22.96 -6.88 37.73
N PHE D 57 21.83 -6.18 37.79
CA PHE D 57 20.75 -6.50 38.71
C PHE D 57 20.10 -7.82 38.28
N TRP D 58 20.73 -8.93 38.67
CA TRP D 58 20.24 -10.24 38.27
C TRP D 58 18.88 -10.55 38.89
N LYS D 59 18.69 -10.17 40.16
CA LYS D 59 17.38 -10.34 40.78
C LYS D 59 16.30 -9.63 39.98
N GLY D 60 16.62 -8.43 39.49
CA GLY D 60 15.68 -7.71 38.66
C GLY D 60 15.39 -8.43 37.35
N VAL D 61 16.44 -9.01 36.74
CA VAL D 61 16.26 -9.77 35.50
C VAL D 61 15.28 -10.91 35.72
N LEU D 62 15.53 -11.72 36.76
CA LEU D 62 14.70 -12.89 37.02
C LEU D 62 13.26 -12.48 37.37
N GLU D 63 13.11 -11.49 38.26
CA GLU D 63 11.77 -11.09 38.68
C GLU D 63 11.00 -10.44 37.55
N GLU D 64 11.68 -9.66 36.70
CA GLU D 64 10.99 -9.01 35.58
C GLU D 64 10.62 -10.02 34.50
N LEU D 65 11.44 -11.04 34.28
CA LEU D 65 11.06 -12.07 33.32
C LEU D 65 9.89 -12.89 33.84
N LEU D 66 9.90 -13.26 35.12
CA LEU D 66 8.75 -13.95 35.69
C LEU D 66 7.50 -13.08 35.65
N TRP D 67 7.68 -11.77 35.79
CA TRP D 67 6.57 -10.82 35.69
C TRP D 67 6.05 -10.72 34.26
N PHE D 68 6.95 -10.84 33.27
CA PHE D 68 6.50 -10.89 31.87
C PHE D 68 5.72 -12.15 31.60
N ILE D 69 6.20 -13.30 32.08
CA ILE D 69 5.56 -14.58 31.81
C ILE D 69 4.16 -14.63 32.42
N LYS D 70 3.97 -13.97 33.57
CA LYS D 70 2.65 -13.89 34.19
C LYS D 70 1.70 -12.98 33.43
N GLY D 71 2.18 -12.26 32.43
CA GLY D 71 1.33 -11.36 31.67
C GLY D 71 0.93 -10.10 32.40
N SER D 72 1.64 -9.75 33.47
CA SER D 72 1.26 -8.61 34.29
C SER D 72 1.83 -7.32 33.73
N THR D 73 1.04 -6.25 33.80
CA THR D 73 1.48 -4.92 33.41
C THR D 73 1.45 -3.94 34.57
N ASN D 74 1.33 -4.44 35.80
CA ASN D 74 1.27 -3.61 36.99
C ASN D 74 2.67 -3.47 37.58
N ALA D 75 3.17 -2.23 37.63
CA ALA D 75 4.52 -2.01 38.15
C ALA D 75 4.59 -2.27 39.65
N LYS D 76 3.46 -2.12 40.37
CA LYS D 76 3.47 -2.37 41.80
C LYS D 76 3.71 -3.84 42.11
N GLU D 77 3.24 -4.74 41.24
CA GLU D 77 3.47 -6.17 41.47
C GLU D 77 4.95 -6.53 41.31
N LEU D 78 5.68 -5.80 40.47
CA LEU D 78 7.12 -6.02 40.37
C LEU D 78 7.87 -5.28 41.47
N SER D 79 7.36 -4.14 41.92
CA SER D 79 8.03 -3.40 42.98
C SER D 79 7.89 -4.11 44.32
N SER D 80 6.79 -4.84 44.54
CA SER D 80 6.66 -5.61 45.77
C SER D 80 7.71 -6.70 45.88
N LYS D 81 8.29 -7.12 44.76
CA LYS D 81 9.36 -8.12 44.76
C LYS D 81 10.74 -7.49 45.02
N GLY D 82 10.83 -6.17 45.08
CA GLY D 82 12.09 -5.50 45.26
C GLY D 82 12.71 -4.93 44.00
N VAL D 83 11.99 -4.94 42.89
CA VAL D 83 12.50 -4.49 41.60
C VAL D 83 11.74 -3.23 41.22
N LYS D 84 12.41 -2.08 41.28
CA LYS D 84 11.76 -0.79 41.05
C LYS D 84 12.14 -0.19 39.69
N ILE D 85 12.46 -1.04 38.71
CA ILE D 85 12.91 -0.54 37.42
C ILE D 85 11.76 0.08 36.62
N TRP D 86 10.52 -0.33 36.88
CA TRP D 86 9.37 0.21 36.16
C TRP D 86 8.53 1.15 37.01
N ASP D 87 8.97 1.48 38.23
CA ASP D 87 8.20 2.40 39.07
C ASP D 87 8.25 3.82 38.53
N ALA D 88 9.36 4.19 37.88
CA ALA D 88 9.47 5.54 37.33
C ALA D 88 8.59 5.73 36.11
N ASN D 89 8.58 4.76 35.19
CA ASN D 89 7.73 4.88 34.01
C ASN D 89 6.26 4.68 34.33
N GLY D 90 5.93 4.20 35.53
CA GLY D 90 4.56 4.11 35.98
C GLY D 90 4.18 5.09 37.06
N SER D 91 5.01 6.08 37.34
CA SER D 91 4.72 7.03 38.41
C SER D 91 3.61 7.99 37.97
N ARG D 92 3.02 8.65 38.96
CA ARG D 92 1.95 9.61 38.68
C ARG D 92 2.45 10.74 37.79
N ASP D 93 3.65 11.27 38.07
CA ASP D 93 4.13 12.42 37.32
C ASP D 93 4.36 12.07 35.85
N PHE D 94 4.86 10.86 35.58
CA PHE D 94 5.14 10.48 34.20
C PHE D 94 3.86 10.23 33.42
N LEU D 95 2.93 9.47 34.00
CA LEU D 95 1.63 9.27 33.37
C LEU D 95 0.92 10.59 33.12
N ASP D 96 1.06 11.54 34.05
CA ASP D 96 0.51 12.87 33.81
C ASP D 96 1.24 13.57 32.68
N SER D 97 2.55 13.34 32.55
CA SER D 97 3.31 13.93 31.46
C SER D 97 2.92 13.34 30.11
N LEU D 98 2.24 12.19 30.10
CA LEU D 98 1.75 11.62 28.84
C LEU D 98 0.25 11.79 28.65
N GLY D 99 -0.42 12.57 29.51
CA GLY D 99 -1.84 12.82 29.36
C GLY D 99 -2.75 11.86 30.10
N PHE D 100 -2.22 10.75 30.61
CA PHE D 100 -3.03 9.74 31.31
C PHE D 100 -3.25 10.19 32.75
N SER D 101 -4.05 11.25 32.89
CA SER D 101 -4.29 11.82 34.20
C SER D 101 -5.23 10.93 35.02
N THR D 102 -6.19 10.29 34.36
CA THR D 102 -7.16 9.45 35.04
C THR D 102 -6.74 7.98 35.06
N ARG D 103 -5.47 7.70 34.78
CA ARG D 103 -4.97 6.33 34.77
C ARG D 103 -4.38 5.98 36.12
N GLU D 104 -4.74 4.80 36.62
CA GLU D 104 -4.26 4.35 37.93
C GLU D 104 -2.73 4.31 37.95
N GLU D 105 -2.16 4.63 39.10
CA GLU D 105 -0.71 4.66 39.22
C GLU D 105 -0.14 3.24 39.18
N GLY D 106 0.92 3.06 38.39
CA GLY D 106 1.53 1.77 38.21
C GLY D 106 1.02 0.99 37.01
N ASP D 107 -0.02 1.48 36.34
CA ASP D 107 -0.58 0.82 35.16
C ASP D 107 0.23 1.27 33.94
N LEU D 108 1.09 0.38 33.46
CA LEU D 108 1.96 0.69 32.33
C LEU D 108 1.23 0.58 30.99
N GLY D 109 -0.02 0.13 30.98
CA GLY D 109 -0.73 -0.09 29.74
C GLY D 109 -0.41 -1.45 29.15
N PRO D 110 -0.80 -1.67 27.89
CA PRO D 110 -0.51 -2.96 27.27
C PRO D 110 0.95 -3.07 26.88
N VAL D 111 1.76 -3.69 27.72
CA VAL D 111 3.20 -3.75 27.49
C VAL D 111 3.64 -5.20 27.37
N TYR D 112 4.93 -5.45 27.62
CA TYR D 112 5.56 -6.71 27.24
C TYR D 112 4.74 -7.93 27.64
N GLY D 113 4.28 -7.99 28.88
CA GLY D 113 3.58 -9.19 29.32
C GLY D 113 2.22 -9.35 28.67
N PHE D 114 1.49 -8.24 28.53
CA PHE D 114 0.17 -8.29 27.91
C PHE D 114 0.27 -8.71 26.45
N GLN D 115 1.30 -8.24 25.74
CA GLN D 115 1.45 -8.64 24.35
C GLN D 115 1.98 -10.06 24.24
N TRP D 116 2.81 -10.50 25.19
CA TRP D 116 3.32 -11.87 25.16
C TRP D 116 2.20 -12.88 25.34
N ARG D 117 1.22 -12.57 26.20
CA ARG D 117 0.22 -13.57 26.55
C ARG D 117 -1.18 -13.28 26.02
N HIS D 118 -1.50 -12.01 25.70
CA HIS D 118 -2.85 -11.64 25.26
C HIS D 118 -2.77 -10.62 24.11
N PHE D 119 -2.05 -10.97 23.05
CA PHE D 119 -1.94 -10.07 21.91
C PHE D 119 -3.29 -9.96 21.20
N GLY D 120 -3.76 -8.73 21.02
CA GLY D 120 -5.00 -8.49 20.33
C GLY D 120 -6.21 -8.35 21.22
N ALA D 121 -6.09 -8.71 22.50
CA ALA D 121 -7.19 -8.53 23.43
C ALA D 121 -7.38 -7.06 23.75
N GLU D 122 -8.61 -6.68 24.08
CA GLU D 122 -8.91 -5.30 24.42
C GLU D 122 -8.42 -5.02 25.84
N TYR D 123 -7.44 -4.13 25.96
CA TYR D 123 -6.86 -3.79 27.25
C TYR D 123 -7.78 -2.84 28.00
N ARG D 124 -8.15 -3.22 29.23
CA ARG D 124 -8.96 -2.38 30.09
C ARG D 124 -8.07 -1.69 31.11
N ASP D 125 -7.64 -2.42 32.14
CA ASP D 125 -6.68 -1.91 33.11
C ASP D 125 -5.81 -3.06 33.59
N MET D 126 -4.92 -2.77 34.54
CA MET D 126 -3.99 -3.77 35.03
C MET D 126 -4.64 -4.80 35.94
N GLU D 127 -5.80 -4.48 36.54
CA GLU D 127 -6.47 -5.41 37.45
C GLU D 127 -7.36 -6.42 36.73
N SER D 128 -7.61 -6.22 35.43
CA SER D 128 -8.50 -7.11 34.70
C SER D 128 -7.86 -8.48 34.53
N ASP D 129 -8.71 -9.50 34.45
CA ASP D 129 -8.28 -10.86 34.17
C ASP D 129 -8.50 -11.15 32.69
N TYR D 130 -7.41 -11.39 31.97
CA TYR D 130 -7.46 -11.60 30.53
C TYR D 130 -7.32 -13.08 30.17
N SER D 131 -7.72 -13.97 31.08
CA SER D 131 -7.63 -15.40 30.82
C SER D 131 -8.43 -15.77 29.58
N GLY D 132 -7.83 -16.59 28.71
CA GLY D 132 -8.48 -17.03 27.49
C GLY D 132 -8.59 -16.00 26.39
N GLN D 133 -8.32 -14.74 26.67
CA GLN D 133 -8.41 -13.67 25.69
C GLN D 133 -7.08 -13.45 24.98
N GLY D 134 -7.16 -12.90 23.78
CA GLY D 134 -5.98 -12.60 23.00
C GLY D 134 -5.26 -13.82 22.46
N VAL D 135 -4.12 -13.52 21.83
CA VAL D 135 -3.24 -14.52 21.24
C VAL D 135 -2.08 -14.75 22.20
N ASP D 136 -1.89 -16.01 22.61
CA ASP D 136 -0.86 -16.41 23.57
C ASP D 136 0.40 -16.77 22.78
N GLN D 137 1.26 -15.78 22.56
CA GLN D 137 2.43 -15.99 21.71
C GLN D 137 3.45 -16.92 22.37
N LEU D 138 3.67 -16.78 23.68
CA LEU D 138 4.73 -17.53 24.35
C LEU D 138 4.47 -19.04 24.30
N GLN D 139 3.26 -19.47 24.69
CA GLN D 139 2.94 -20.88 24.60
C GLN D 139 2.93 -21.35 23.15
N ARG D 140 2.59 -20.46 22.20
CA ARG D 140 2.62 -20.85 20.79
C ARG D 140 4.04 -21.13 20.31
N VAL D 141 5.01 -20.32 20.73
CA VAL D 141 6.38 -20.58 20.30
C VAL D 141 6.93 -21.81 21.00
N ILE D 142 6.52 -22.07 22.24
CA ILE D 142 6.98 -23.28 22.91
C ILE D 142 6.46 -24.52 22.19
N ASP D 143 5.16 -24.53 21.86
CA ASP D 143 4.58 -25.65 21.14
C ASP D 143 5.19 -25.79 19.75
N THR D 144 5.50 -24.68 19.08
CA THR D 144 6.10 -24.74 17.76
C THR D 144 7.51 -25.33 17.83
N ILE D 145 8.29 -24.95 18.85
CA ILE D 145 9.60 -25.56 19.03
C ILE D 145 9.46 -27.05 19.33
N LYS D 146 8.42 -27.42 20.08
CA LYS D 146 8.26 -28.84 20.43
C LYS D 146 7.86 -29.68 19.22
N THR D 147 6.99 -29.16 18.35
CA THR D 147 6.44 -29.98 17.28
C THR D 147 7.08 -29.73 15.92
N ASN D 148 7.63 -28.54 15.68
CA ASN D 148 8.20 -28.19 14.38
C ASN D 148 9.40 -27.28 14.60
N PRO D 149 10.53 -27.85 15.04
CA PRO D 149 11.68 -27.00 15.38
C PRO D 149 12.30 -26.31 14.17
N ASP D 150 12.13 -26.86 12.98
CA ASP D 150 12.66 -26.23 11.78
C ASP D 150 11.80 -25.08 11.27
N ASP D 151 10.70 -24.77 11.96
CA ASP D 151 9.82 -23.69 11.54
C ASP D 151 10.56 -22.35 11.59
N ARG D 152 10.37 -21.54 10.55
CA ARG D 152 11.03 -20.25 10.43
C ARG D 152 10.12 -19.10 10.86
N ARG D 153 9.06 -19.38 11.59
CA ARG D 153 8.12 -18.35 12.04
C ARG D 153 7.96 -18.34 13.55
N ILE D 154 8.90 -18.94 14.28
CA ILE D 154 8.86 -18.96 15.74
C ILE D 154 9.19 -17.56 16.23
N ILE D 155 8.19 -16.69 16.26
CA ILE D 155 8.37 -15.28 16.57
C ILE D 155 7.39 -14.89 17.66
N MET D 156 7.89 -14.13 18.63
CA MET D 156 7.07 -13.45 19.63
C MET D 156 7.29 -11.97 19.43
N CYS D 157 6.22 -11.25 19.11
CA CYS D 157 6.27 -9.82 18.80
C CYS D 157 5.47 -9.04 19.82
N ALA D 158 6.05 -7.96 20.33
CA ALA D 158 5.40 -7.10 21.32
C ALA D 158 4.98 -5.75 20.74
N TRP D 159 5.25 -5.50 19.46
CA TRP D 159 4.88 -4.23 18.83
C TRP D 159 3.46 -4.34 18.30
N ASN D 160 2.54 -3.63 18.94
CA ASN D 160 1.13 -3.60 18.54
C ASN D 160 0.74 -2.16 18.23
N PRO D 161 0.65 -1.79 16.95
CA PRO D 161 0.30 -0.39 16.62
C PRO D 161 -1.04 0.06 17.17
N ARG D 162 -2.01 -0.85 17.33
CA ARG D 162 -3.30 -0.46 17.86
C ARG D 162 -3.21 -0.11 19.35
N ASP D 163 -2.43 -0.88 20.11
CA ASP D 163 -2.24 -0.62 21.53
C ASP D 163 -1.10 0.35 21.82
N LEU D 164 -0.48 0.91 20.78
CA LEU D 164 0.72 1.73 21.00
C LEU D 164 0.44 3.01 21.78
N PRO D 165 -0.56 3.83 21.45
CA PRO D 165 -0.77 5.07 22.23
C PRO D 165 -1.26 4.83 23.65
N LEU D 166 -1.57 3.59 24.02
CA LEU D 166 -2.02 3.26 25.37
C LEU D 166 -0.88 2.82 26.27
N MET D 167 0.34 2.75 25.75
CA MET D 167 1.48 2.26 26.52
C MET D 167 2.22 3.41 27.18
N ALA D 168 2.59 3.21 28.45
CA ALA D 168 3.41 4.19 29.13
C ALA D 168 4.78 4.32 28.48
N LEU D 169 5.36 3.19 28.09
CA LEU D 169 6.61 3.18 27.34
C LEU D 169 6.53 2.07 26.32
N PRO D 170 6.52 2.39 25.02
CA PRO D 170 6.42 1.33 24.01
C PRO D 170 7.58 0.36 24.12
N PRO D 171 7.40 -0.87 23.66
CA PRO D 171 8.41 -1.90 23.89
C PRO D 171 9.74 -1.55 23.23
N CYS D 172 10.82 -1.73 23.99
CA CYS D 172 12.16 -1.51 23.46
C CYS D 172 12.72 -2.77 22.82
N HIS D 173 12.57 -3.92 23.48
CA HIS D 173 12.82 -5.21 22.86
C HIS D 173 11.50 -5.67 22.28
N ALA D 174 11.28 -5.31 21.01
CA ALA D 174 9.96 -5.39 20.40
C ALA D 174 9.66 -6.73 19.75
N LEU D 175 10.67 -7.47 19.31
CA LEU D 175 10.46 -8.69 18.56
C LEU D 175 11.58 -9.67 18.86
N CYS D 176 11.25 -10.96 18.98
CA CYS D 176 12.28 -11.97 19.12
C CYS D 176 11.88 -13.21 18.33
N GLN D 177 12.89 -13.90 17.82
CA GLN D 177 12.70 -15.09 17.00
C GLN D 177 13.56 -16.22 17.54
N PHE D 178 13.03 -17.43 17.50
CA PHE D 178 13.76 -18.60 17.96
C PHE D 178 14.13 -19.50 16.79
N TYR D 179 15.17 -20.29 16.99
CA TYR D 179 15.79 -21.05 15.92
C TYR D 179 16.35 -22.33 16.52
N VAL D 180 16.12 -23.46 15.85
CA VAL D 180 16.54 -24.75 16.37
C VAL D 180 17.39 -25.47 15.32
N VAL D 181 18.57 -25.92 15.73
CA VAL D 181 19.39 -26.77 14.87
C VAL D 181 20.32 -27.61 15.73
N ASN D 182 20.41 -28.90 15.40
CA ASN D 182 21.26 -29.85 16.12
C ASN D 182 20.96 -29.85 17.61
N SER D 183 19.67 -29.83 17.94
CA SER D 183 19.20 -29.80 19.33
C SER D 183 19.74 -28.59 20.09
N GLU D 184 20.00 -27.50 19.38
CA GLU D 184 20.43 -26.24 19.99
C GLU D 184 19.42 -25.16 19.67
N LEU D 185 18.95 -24.49 20.72
CA LEU D 185 17.96 -23.42 20.62
C LEU D 185 18.68 -22.07 20.73
N SER D 186 18.55 -21.26 19.68
CA SER D 186 19.08 -19.92 19.63
C SER D 186 17.94 -18.91 19.58
N CYS D 187 18.27 -17.68 19.95
CA CYS D 187 17.27 -16.62 20.05
C CYS D 187 17.88 -15.33 19.54
N GLN D 188 17.16 -14.64 18.66
CA GLN D 188 17.54 -13.31 18.21
C GLN D 188 16.52 -12.29 18.71
N LEU D 189 17.01 -11.14 19.13
CA LEU D 189 16.18 -10.06 19.64
C LEU D 189 16.42 -8.82 18.79
N TYR D 190 15.33 -8.18 18.35
CA TYR D 190 15.39 -6.86 17.72
C TYR D 190 15.00 -5.84 18.77
N GLN D 191 15.96 -5.00 19.17
CA GLN D 191 15.71 -3.93 20.12
C GLN D 191 15.70 -2.60 19.36
N ARG D 192 14.53 -1.97 19.31
CA ARG D 192 14.40 -0.72 18.57
C ARG D 192 15.16 0.42 19.23
N SER D 193 15.27 0.40 20.56
CA SER D 193 15.92 1.46 21.31
C SER D 193 16.75 0.83 22.41
N GLY D 194 18.06 1.07 22.39
CA GLY D 194 18.96 0.46 23.34
C GLY D 194 19.72 1.46 24.18
N ASP D 195 19.33 1.58 25.44
CA ASP D 195 20.09 2.32 26.44
C ASP D 195 21.33 1.48 26.75
N MET D 196 22.45 1.83 26.12
CA MET D 196 23.64 0.98 26.19
C MET D 196 24.20 0.88 27.60
N GLY D 197 24.07 1.93 28.40
CA GLY D 197 24.60 1.91 29.74
C GLY D 197 23.71 1.23 30.76
N LEU D 198 22.39 1.50 30.69
CA LEU D 198 21.47 1.04 31.72
C LEU D 198 20.70 -0.20 31.28
N GLY D 199 19.96 -0.12 30.18
CA GLY D 199 19.02 -1.17 29.82
C GLY D 199 19.56 -2.35 29.02
N VAL D 200 20.57 -2.13 28.19
CA VAL D 200 21.02 -3.15 27.23
C VAL D 200 21.63 -4.38 27.92
N PRO D 201 22.53 -4.26 28.90
CA PRO D 201 23.01 -5.48 29.59
C PRO D 201 21.88 -6.22 30.27
N PHE D 202 20.91 -5.46 30.78
CA PHE D 202 19.75 -6.07 31.43
C PHE D 202 18.93 -6.88 30.42
N ASN D 203 18.74 -6.33 29.23
CA ASN D 203 17.97 -7.05 28.22
C ASN D 203 18.73 -8.25 27.69
N ILE D 204 20.06 -8.15 27.60
CA ILE D 204 20.89 -9.29 27.22
C ILE D 204 20.66 -10.44 28.19
N ALA D 205 20.80 -10.16 29.49
CA ALA D 205 20.61 -11.22 30.48
C ALA D 205 19.17 -11.71 30.49
N SER D 206 18.20 -10.82 30.31
CA SER D 206 16.80 -11.21 30.32
C SER D 206 16.49 -12.21 29.22
N TYR D 207 16.92 -11.92 27.99
CA TYR D 207 16.59 -12.83 26.89
C TYR D 207 17.46 -14.07 26.89
N ALA D 208 18.68 -14.00 27.43
CA ALA D 208 19.43 -15.23 27.65
C ALA D 208 18.71 -16.13 28.66
N LEU D 209 18.14 -15.53 29.70
CA LEU D 209 17.40 -16.32 30.69
C LEU D 209 16.15 -16.94 30.07
N LEU D 210 15.46 -16.18 29.21
CA LEU D 210 14.30 -16.72 28.51
C LEU D 210 14.70 -17.89 27.62
N THR D 211 15.84 -17.78 26.94
CA THR D 211 16.33 -18.87 26.11
C THR D 211 16.63 -20.11 26.95
N TYR D 212 17.23 -19.90 28.13
CA TYR D 212 17.50 -21.03 29.03
C TYR D 212 16.21 -21.70 29.48
N MET D 213 15.20 -20.89 29.83
CA MET D 213 13.92 -21.46 30.27
C MET D 213 13.28 -22.28 29.17
N ILE D 214 13.23 -21.73 27.96
CA ILE D 214 12.55 -22.43 26.86
C ILE D 214 13.33 -23.66 26.46
N ALA D 215 14.66 -23.60 26.49
CA ALA D 215 15.47 -24.78 26.21
C ALA D 215 15.27 -25.86 27.28
N HIS D 216 15.08 -25.46 28.53
CA HIS D 216 14.81 -26.43 29.58
C HIS D 216 13.46 -27.11 29.36
N ILE D 217 12.46 -26.33 28.92
CA ILE D 217 11.13 -26.90 28.74
C ILE D 217 11.10 -27.82 27.53
N THR D 218 11.72 -27.42 26.43
CA THR D 218 11.66 -28.19 25.19
C THR D 218 12.73 -29.27 25.09
N GLY D 219 13.55 -29.45 26.12
CA GLY D 219 14.57 -30.49 26.08
C GLY D 219 15.71 -30.21 25.13
N LEU D 220 16.00 -28.94 24.88
CA LEU D 220 17.08 -28.52 24.00
C LEU D 220 18.20 -27.88 24.79
N LYS D 221 19.34 -27.70 24.13
CA LYS D 221 20.46 -27.02 24.75
C LYS D 221 20.54 -25.58 24.28
N PRO D 222 20.80 -24.63 25.19
CA PRO D 222 20.93 -23.23 24.77
C PRO D 222 22.09 -23.05 23.81
N GLY D 223 21.85 -22.29 22.75
CA GLY D 223 22.87 -22.06 21.74
C GLY D 223 23.48 -20.67 21.79
N ASP D 224 22.97 -19.78 20.95
CA ASP D 224 23.45 -18.41 20.87
C ASP D 224 22.30 -17.44 21.08
N PHE D 225 22.65 -16.24 21.53
CA PHE D 225 21.73 -15.11 21.62
C PHE D 225 22.27 -14.00 20.72
N ILE D 226 21.52 -13.65 19.69
CA ILE D 226 21.91 -12.63 18.73
C ILE D 226 21.17 -11.35 19.10
N HIS D 227 21.92 -10.35 19.52
CA HIS D 227 21.36 -9.07 19.94
C HIS D 227 21.45 -8.09 18.79
N THR D 228 20.31 -7.78 18.19
CA THR D 228 20.23 -6.78 17.13
C THR D 228 19.67 -5.48 17.70
N LEU D 229 20.33 -4.37 17.38
CA LEU D 229 19.99 -3.06 17.92
C LEU D 229 19.65 -2.10 16.79
N GLY D 230 18.57 -1.36 16.95
CA GLY D 230 18.25 -0.26 16.06
C GLY D 230 18.96 1.01 16.49
N ASP D 231 18.30 1.82 17.31
CA ASP D 231 18.90 3.05 17.84
C ASP D 231 19.62 2.70 19.13
N ALA D 232 20.91 2.41 19.02
CA ALA D 232 21.75 2.14 20.19
C ALA D 232 22.38 3.47 20.61
N HIS D 233 22.02 3.93 21.81
CA HIS D 233 22.43 5.25 22.25
C HIS D 233 23.04 5.21 23.65
N ILE D 234 23.98 6.12 23.88
CA ILE D 234 24.59 6.35 25.19
C ILE D 234 24.17 7.74 25.66
N TYR D 235 23.44 7.80 26.77
CA TYR D 235 23.07 9.09 27.34
C TYR D 235 24.31 9.83 27.83
N LEU D 236 24.21 11.16 27.90
CA LEU D 236 25.35 12.00 28.30
C LEU D 236 25.78 11.69 29.73
N ASN D 237 24.85 11.61 30.68
CA ASN D 237 25.22 11.29 32.04
C ASN D 237 25.76 9.87 32.19
N HIS D 238 25.88 9.13 31.10
CA HIS D 238 26.48 7.81 31.09
C HIS D 238 27.86 7.78 30.42
N ILE D 239 28.34 8.90 29.90
CA ILE D 239 29.62 8.90 29.18
C ILE D 239 30.77 8.60 30.15
N GLU D 240 30.92 9.43 31.17
CA GLU D 240 32.00 9.22 32.13
C GLU D 240 31.89 7.90 32.89
N PRO D 241 30.70 7.47 33.35
CA PRO D 241 30.63 6.13 33.95
C PRO D 241 31.08 5.02 33.03
N LEU D 242 30.61 5.00 31.77
CA LEU D 242 30.95 3.91 30.88
C LEU D 242 32.46 3.83 30.63
N LYS D 243 33.12 4.98 30.47
CA LYS D 243 34.57 4.99 30.34
C LYS D 243 35.23 4.27 31.50
N ILE D 244 34.74 4.48 32.72
CA ILE D 244 35.24 3.73 33.86
C ILE D 244 35.09 2.24 33.61
N GLN D 245 33.88 1.80 33.27
CA GLN D 245 33.66 0.40 32.95
C GLN D 245 34.52 -0.04 31.78
N LEU D 246 34.89 0.90 30.90
CA LEU D 246 35.67 0.58 29.72
C LEU D 246 37.12 0.28 30.06
N GLN D 247 37.58 0.58 31.28
CA GLN D 247 38.96 0.32 31.67
C GLN D 247 39.07 -0.79 32.70
N ARG D 248 38.09 -1.68 32.78
CA ARG D 248 38.10 -2.81 33.69
C ARG D 248 38.38 -4.11 32.93
N GLU D 249 39.16 -4.99 33.55
CA GLU D 249 39.46 -6.28 32.94
C GLU D 249 38.26 -7.20 33.05
N PRO D 250 37.70 -7.68 31.94
CA PRO D 250 36.53 -8.57 32.03
C PRO D 250 36.90 -9.92 32.63
N ARG D 251 36.01 -10.42 33.45
CA ARG D 251 36.16 -11.73 34.09
C ARG D 251 35.25 -12.75 33.41
N PRO D 252 35.53 -14.05 33.57
CA PRO D 252 34.70 -15.07 32.91
C PRO D 252 33.24 -14.98 33.29
N PHE D 253 32.38 -15.32 32.33
CA PHE D 253 30.94 -15.28 32.55
C PHE D 253 30.53 -16.35 33.58
N PRO D 254 29.44 -16.10 34.30
CA PRO D 254 28.96 -17.12 35.25
C PRO D 254 28.23 -18.26 34.55
N LYS D 255 27.55 -19.09 35.33
CA LYS D 255 26.72 -20.17 34.80
C LYS D 255 25.34 -20.11 35.45
N LEU D 256 24.34 -20.56 34.71
CA LEU D 256 22.97 -20.62 35.20
C LEU D 256 22.55 -22.08 35.34
N ARG D 257 22.03 -22.44 36.52
CA ARG D 257 21.59 -23.80 36.78
C ARG D 257 20.13 -23.77 37.23
N ILE D 258 19.30 -24.56 36.56
CA ILE D 258 17.91 -24.74 36.94
C ILE D 258 17.80 -25.94 37.86
N LEU D 259 17.24 -25.73 39.05
CA LEU D 259 17.38 -26.71 40.13
C LEU D 259 16.38 -27.85 40.06
N ARG D 260 15.27 -27.69 39.34
CA ARG D 260 14.27 -28.74 39.25
C ARG D 260 13.69 -28.77 37.84
N LYS D 261 13.17 -29.95 37.46
CA LYS D 261 12.56 -30.13 36.15
C LYS D 261 11.19 -29.47 36.14
N VAL D 262 10.97 -28.57 35.18
CA VAL D 262 9.73 -27.83 35.05
C VAL D 262 9.11 -28.16 33.69
N GLU D 263 7.80 -28.35 33.68
CA GLU D 263 7.08 -28.71 32.46
C GLU D 263 6.47 -27.51 31.74
N LYS D 264 5.83 -26.60 32.46
CA LYS D 264 5.22 -25.42 31.86
C LYS D 264 5.99 -24.18 32.28
N ILE D 265 5.98 -23.18 31.41
CA ILE D 265 6.75 -21.97 31.67
C ILE D 265 6.14 -21.16 32.80
N ASP D 266 4.83 -21.31 33.04
CA ASP D 266 4.20 -20.57 34.12
C ASP D 266 4.56 -21.13 35.49
N ASP D 267 5.08 -22.36 35.55
CA ASP D 267 5.43 -22.98 36.82
C ASP D 267 6.82 -22.64 37.31
N PHE D 268 7.57 -21.82 36.56
CA PHE D 268 8.90 -21.41 37.03
C PHE D 268 8.77 -20.45 38.20
N LYS D 269 9.64 -20.62 39.18
CA LYS D 269 9.72 -19.75 40.33
C LYS D 269 11.14 -19.24 40.48
N ALA D 270 11.30 -18.15 41.24
CA ALA D 270 12.61 -17.52 41.36
C ALA D 270 13.63 -18.43 42.03
N GLU D 271 13.18 -19.33 42.92
CA GLU D 271 14.12 -20.21 43.62
C GLU D 271 14.66 -21.32 42.71
N ASP D 272 14.11 -21.50 41.52
CA ASP D 272 14.54 -22.56 40.63
C ASP D 272 15.84 -22.22 39.90
N PHE D 273 16.33 -20.99 40.00
CA PHE D 273 17.49 -20.55 39.24
C PHE D 273 18.63 -20.23 40.19
N GLN D 274 19.85 -20.60 39.78
CA GLN D 274 21.04 -20.36 40.59
C GLN D 274 22.17 -19.88 39.70
N ILE D 275 22.75 -18.75 40.06
CA ILE D 275 23.91 -18.20 39.37
C ILE D 275 25.16 -18.69 40.07
N GLU D 276 26.07 -19.29 39.31
CA GLU D 276 27.29 -19.87 39.84
C GLU D 276 28.50 -19.16 39.24
N GLY D 277 29.43 -18.75 40.10
CA GLY D 277 30.67 -18.17 39.63
C GLY D 277 30.55 -16.75 39.11
N TYR D 278 29.63 -15.97 39.66
CA TYR D 278 29.48 -14.57 39.25
C TYR D 278 30.40 -13.72 40.10
N ASN D 279 31.51 -13.25 39.49
CA ASN D 279 32.50 -12.40 40.16
C ASN D 279 32.63 -11.11 39.36
N PRO D 280 31.68 -10.19 39.48
CA PRO D 280 31.76 -8.93 38.73
C PRO D 280 32.48 -7.83 39.48
N HIS D 281 32.89 -6.81 38.71
CA HIS D 281 33.37 -5.58 39.29
C HIS D 281 32.21 -4.85 39.95
N PRO D 282 32.49 -3.93 40.88
CA PRO D 282 31.40 -3.22 41.56
C PRO D 282 30.48 -2.49 40.60
N THR D 283 29.28 -2.18 41.08
CA THR D 283 28.27 -1.52 40.29
C THR D 283 28.71 -0.11 39.91
N ILE D 284 28.09 0.43 38.87
CA ILE D 284 28.33 1.80 38.43
C ILE D 284 26.98 2.46 38.28
N LYS D 285 26.71 3.46 39.13
CA LYS D 285 25.41 4.12 39.12
C LYS D 285 25.22 4.88 37.82
N MET D 286 24.10 4.62 37.14
CA MET D 286 23.73 5.32 35.91
C MET D 286 22.25 5.69 35.99
N GLU D 287 21.97 6.97 36.19
CA GLU D 287 20.59 7.38 36.45
C GLU D 287 19.73 7.20 35.20
N MET D 288 18.46 6.85 35.43
CA MET D 288 17.50 6.63 34.37
C MET D 288 17.01 7.94 33.78
N ALA D 289 16.57 7.89 32.53
CA ALA D 289 16.00 9.05 31.85
C ALA D 289 14.50 8.84 31.59
#